data_3KZ1
#
_entry.id   3KZ1
#
_cell.length_a   98.166
_cell.length_b   111.836
_cell.length_c   138.390
_cell.angle_alpha   90.00
_cell.angle_beta   90.00
_cell.angle_gamma   90.00
#
_symmetry.space_group_name_H-M   'P 21 21 21'
#
loop_
_entity.id
_entity.type
_entity.pdbx_description
1 polymer 'Rho guanine nucleotide exchange factor 11'
2 polymer 'Transforming protein RhoA'
3 non-polymer 'MAGNESIUM ION'
4 non-polymer "5'-GUANOSINE-DIPHOSPHATE-MONOTHIOPHOSPHATE"
5 water water
#
loop_
_entity_poly.entity_id
_entity_poly.type
_entity_poly.pdbx_seq_one_letter_code
_entity_poly.pdbx_strand_id
1 'polypeptide(L)'
;GEPDAQNWQHTVGKDVVAGLTQREIDRQEVINELFVTEASHLRTLRVLDLIFYQRMKKENLMPREELARLFPNLPELIEI
HNSWCEAMKKLREEGPIIKEISDLMLARFDGPAREELQQVAAQFCSYQSIALELIKTKQRKESRFQLFMQEAESHPQCRR
LQLRDLIISEMQRLTKYPLLLESIIKHTEGGTSEHEKLCRARDQCREILKYVNEAVKQTENRHRLEGYQKRLDATALERA
SNPLAAEFKSLDLTTRKMIHEGPLTWRISKDKTLDLHVLLLEDLLVLLQKQDEKLLLKCHSKTAVGSSDSKQTFSPVLKL
NAVLIRSVATDKRAFFIICTSKLGPPQIYELVALTSSDKNTWMELLEEAVRNATRHPHHHHHH
;
A,B
2 'polypeptide(L)'
;GMAAIRKKLVIVGDGACGKTCLLIVFSKDQFPEVYVPTVFENYVADIEVDGKQVELALWDTAGQEDYDRLRPLSYPDTDV
ILMCFSIDSPDSLENIPEKWTPEVKHFCPNVPIILVGNKKDLRNDEHTRRELAKMKQEPVKPEEGRDMANRIGAFGYMEC
SAKTKDGVREVFEMATRAALQA
;
E,F
#
loop_
_chem_comp.id
_chem_comp.type
_chem_comp.name
_chem_comp.formula
GSP non-polymer 5'-GUANOSINE-DIPHOSPHATE-MONOTHIOPHOSPHATE 'C10 H16 N5 O13 P3 S'
MG non-polymer 'MAGNESIUM ION' 'Mg 2'
#
# COMPACT_ATOMS: atom_id res chain seq x y z
N GLN A 6 -11.20 23.09 -19.34
CA GLN A 6 -10.67 21.71 -19.05
C GLN A 6 -9.17 21.73 -18.62
N ASN A 7 -8.27 21.93 -19.59
CA ASN A 7 -6.83 22.09 -19.33
C ASN A 7 -6.61 23.49 -18.82
N TRP A 8 -5.40 23.72 -18.31
CA TRP A 8 -4.94 25.06 -17.98
C TRP A 8 -4.74 25.78 -19.28
N GLN A 9 -4.19 25.05 -20.26
CA GLN A 9 -3.94 25.56 -21.61
C GLN A 9 -5.21 25.99 -22.32
N HIS A 10 -6.28 25.22 -22.12
CA HIS A 10 -7.57 25.48 -22.74
C HIS A 10 -8.26 26.65 -22.08
N THR A 11 -7.96 26.89 -20.81
CA THR A 11 -8.33 28.13 -20.13
C THR A 11 -7.20 29.12 -20.38
N VAL A 12 -7.26 30.28 -19.71
CA VAL A 12 -6.21 31.34 -19.87
C VAL A 12 -6.05 31.90 -21.31
N GLY A 13 -5.54 31.07 -22.24
CA GLY A 13 -5.44 31.44 -23.68
C GLY A 13 -4.23 30.91 -24.43
N LYS A 14 -4.37 30.59 -25.72
CA LYS A 14 -3.22 30.17 -26.57
C LYS A 14 -2.26 31.34 -26.83
N ASP A 15 -2.81 32.56 -26.71
CA ASP A 15 -2.07 33.82 -26.71
C ASP A 15 -1.12 33.89 -25.50
N VAL A 16 -1.62 33.47 -24.33
CA VAL A 16 -0.88 33.55 -23.05
C VAL A 16 0.20 32.46 -22.85
N VAL A 17 0.02 31.30 -23.47
CA VAL A 17 1.03 30.23 -23.45
C VAL A 17 2.04 30.45 -24.56
N ALA A 18 1.82 31.48 -25.35
CA ALA A 18 2.61 31.72 -26.55
C ALA A 18 4.10 31.51 -26.32
N GLY A 19 4.66 32.17 -25.30
CA GLY A 19 6.11 32.23 -25.14
C GLY A 19 6.71 31.38 -24.04
N LEU A 20 6.17 30.17 -23.87
CA LEU A 20 6.54 29.29 -22.75
C LEU A 20 7.02 27.92 -23.16
N THR A 21 8.04 27.44 -22.46
CA THR A 21 8.58 26.12 -22.70
C THR A 21 7.59 25.02 -22.34
N GLN A 22 7.83 23.83 -22.89
CA GLN A 22 7.00 22.66 -22.61
C GLN A 22 7.04 22.32 -21.12
N ARG A 23 8.18 22.51 -20.48
CA ARG A 23 8.28 22.22 -19.06
C ARG A 23 7.41 23.17 -18.25
N GLU A 24 7.42 24.45 -18.61
CA GLU A 24 6.67 25.44 -17.86
C GLU A 24 5.18 25.23 -17.99
N ILE A 25 4.73 24.80 -19.17
CA ILE A 25 3.32 24.51 -19.40
C ILE A 25 2.92 23.32 -18.56
N ASP A 26 3.63 22.21 -18.74
CA ASP A 26 3.33 21.01 -17.96
C ASP A 26 3.36 21.34 -16.46
N ARG A 27 4.16 22.34 -16.09
CA ARG A 27 4.22 22.76 -14.67
C ARG A 27 2.96 23.52 -14.29
N GLN A 28 2.49 24.37 -15.17
CA GLN A 28 1.26 25.11 -14.92
C GLN A 28 0.04 24.17 -14.83
N GLU A 29 0.13 23.04 -15.55
CA GLU A 29 -0.96 22.09 -15.66
C GLU A 29 -1.14 21.35 -14.34
N VAL A 30 -0.02 21.11 -13.69
CA VAL A 30 -0.07 20.42 -12.43
C VAL A 30 -0.44 21.40 -11.32
N ILE A 31 0.04 22.64 -11.40
CA ILE A 31 -0.28 23.61 -10.37
C ILE A 31 -1.77 23.88 -10.41
N ASN A 32 -2.30 24.02 -11.61
CA ASN A 32 -3.70 24.29 -11.76
C ASN A 32 -4.53 23.17 -11.12
N GLU A 33 -4.03 21.94 -11.19
CA GLU A 33 -4.80 20.81 -10.75
C GLU A 33 -4.95 20.94 -9.25
N LEU A 34 -3.84 21.32 -8.61
CA LEU A 34 -3.84 21.58 -7.19
C LEU A 34 -4.89 22.63 -6.78
N PHE A 35 -4.89 23.75 -7.47
CA PHE A 35 -5.82 24.85 -7.17
C PHE A 35 -7.27 24.42 -7.33
N VAL A 36 -7.57 23.72 -8.43
CA VAL A 36 -8.94 23.39 -8.79
C VAL A 36 -9.49 22.36 -7.81
N THR A 37 -8.69 21.34 -7.51
CA THR A 37 -9.13 20.29 -6.60
C THR A 37 -9.20 20.76 -5.13
N GLU A 38 -8.52 21.84 -4.80
CA GLU A 38 -8.65 22.42 -3.47
C GLU A 38 -9.99 23.10 -3.37
N ALA A 39 -10.35 23.83 -4.42
CA ALA A 39 -11.68 24.43 -4.50
C ALA A 39 -12.79 23.38 -4.33
N SER A 40 -12.65 22.23 -4.98
CA SER A 40 -13.62 21.12 -4.81
C SER A 40 -13.65 20.54 -3.39
N HIS A 41 -12.49 20.45 -2.75
CA HIS A 41 -12.47 19.85 -1.47
C HIS A 41 -13.12 20.76 -0.42
N LEU A 42 -12.90 22.08 -0.51
CA LEU A 42 -13.49 23.06 0.41
C LEU A 42 -14.99 23.01 0.29
N ARG A 43 -15.48 22.90 -0.94
CA ARG A 43 -16.91 22.87 -1.18
C ARG A 43 -17.47 21.59 -0.57
N THR A 44 -16.74 20.49 -0.73
CA THR A 44 -17.19 19.23 -0.15
C THR A 44 -17.32 19.37 1.35
N LEU A 45 -16.41 20.13 1.96
CA LEU A 45 -16.49 20.33 3.40
C LEU A 45 -17.68 21.19 3.81
N ARG A 46 -18.03 22.15 2.96
CA ARG A 46 -19.15 23.03 3.22
C ARG A 46 -20.45 22.31 3.00
N VAL A 47 -20.50 21.37 2.05
CA VAL A 47 -21.65 20.47 1.96
C VAL A 47 -21.83 19.69 3.27
N LEU A 48 -20.76 19.12 3.82
CA LEU A 48 -20.88 18.41 5.09
C LEU A 48 -21.47 19.31 6.15
N ASP A 49 -20.98 20.54 6.22
CA ASP A 49 -21.39 21.48 7.22
C ASP A 49 -22.90 21.82 7.09
N LEU A 50 -23.29 22.26 5.90
CA LEU A 50 -24.61 22.79 5.66
C LEU A 50 -25.70 21.72 5.63
N ILE A 51 -25.43 20.60 4.93
CA ILE A 51 -26.45 19.59 4.65
C ILE A 51 -26.51 18.50 5.72
N PHE A 52 -25.39 18.19 6.35
CA PHE A 52 -25.41 17.21 7.45
C PHE A 52 -25.27 17.83 8.84
N TYR A 53 -24.12 18.44 9.11
CA TYR A 53 -23.87 18.92 10.45
C TYR A 53 -24.90 19.93 10.98
N GLN A 54 -25.30 20.90 10.17
CA GLN A 54 -26.15 21.98 10.64
C GLN A 54 -27.56 21.49 10.80
N ARG A 55 -28.01 20.62 9.89
CA ARG A 55 -29.37 20.07 9.95
C ARG A 55 -29.53 19.12 11.14
N MET A 56 -28.50 18.34 11.43
CA MET A 56 -28.53 17.44 12.55
C MET A 56 -28.52 18.25 13.84
N LYS A 57 -27.75 19.32 13.90
CA LYS A 57 -27.71 20.18 15.08
C LYS A 57 -29.09 20.84 15.34
N LYS A 58 -29.67 21.45 14.30
CA LYS A 58 -30.93 22.19 14.40
C LYS A 58 -32.11 21.31 14.79
N GLU A 59 -32.12 20.09 14.27
CA GLU A 59 -33.26 19.24 14.39
C GLU A 59 -33.17 18.23 15.52
N ASN A 60 -32.04 18.24 16.25
CA ASN A 60 -31.86 17.44 17.44
C ASN A 60 -32.07 15.97 17.10
N LEU A 61 -31.25 15.44 16.22
CA LEU A 61 -31.45 14.08 15.75
C LEU A 61 -30.76 13.10 16.62
N MET A 62 -29.75 13.59 17.32
CA MET A 62 -29.03 12.78 18.27
C MET A 62 -28.56 13.70 19.40
N PRO A 63 -28.05 13.11 20.48
CA PRO A 63 -27.49 13.95 21.54
C PRO A 63 -26.24 14.69 21.07
N ARG A 64 -26.01 15.85 21.67
CA ARG A 64 -24.88 16.70 21.35
C ARG A 64 -23.51 16.01 21.33
N GLU A 65 -23.18 15.26 22.38
CA GLU A 65 -21.86 14.61 22.45
C GLU A 65 -21.66 13.59 21.31
N GLU A 66 -22.75 12.95 20.86
CA GLU A 66 -22.69 11.95 19.79
C GLU A 66 -22.47 12.61 18.44
N LEU A 67 -23.07 13.78 18.27
CA LEU A 67 -22.89 14.60 17.10
C LEU A 67 -21.49 15.22 17.05
N ALA A 68 -20.96 15.68 18.18
CA ALA A 68 -19.59 16.20 18.27
C ALA A 68 -18.54 15.15 17.93
N ARG A 69 -18.88 13.90 18.13
CA ARG A 69 -17.99 12.83 17.80
C ARG A 69 -17.88 12.63 16.30
N LEU A 70 -18.97 12.87 15.58
CA LEU A 70 -19.01 12.71 14.11
C LEU A 70 -18.26 13.83 13.41
N PHE A 71 -18.51 15.07 13.83
CA PHE A 71 -17.90 16.23 13.23
C PHE A 71 -17.28 17.00 14.35
N PRO A 72 -16.03 16.66 14.72
CA PRO A 72 -15.59 17.25 15.98
C PRO A 72 -15.25 18.71 15.79
N ASN A 73 -14.66 19.05 14.65
CA ASN A 73 -14.17 20.40 14.45
C ASN A 73 -14.26 20.84 13.02
N LEU A 74 -15.41 20.59 12.42
CA LEU A 74 -15.65 20.91 11.04
C LEU A 74 -15.40 22.40 10.71
N PRO A 75 -15.95 23.32 11.51
CA PRO A 75 -15.71 24.76 11.25
C PRO A 75 -14.24 25.09 11.18
N GLU A 76 -13.45 24.43 12.00
CA GLU A 76 -12.06 24.75 12.12
C GLU A 76 -11.24 24.14 10.95
N LEU A 77 -11.64 22.95 10.55
CA LEU A 77 -11.12 22.27 9.40
C LEU A 77 -11.40 23.09 8.13
N ILE A 78 -12.62 23.61 8.00
CA ILE A 78 -13.06 24.43 6.87
C ILE A 78 -12.24 25.70 6.79
N GLU A 79 -12.00 26.31 7.95
CA GLU A 79 -11.16 27.48 8.08
C GLU A 79 -9.74 27.24 7.58
N ILE A 80 -9.21 26.04 7.80
CA ILE A 80 -7.89 25.70 7.34
C ILE A 80 -7.80 25.72 5.81
N HIS A 81 -8.70 24.96 5.16
CA HIS A 81 -8.69 24.86 3.69
C HIS A 81 -9.26 26.12 3.06
N ASN A 82 -9.94 26.96 3.82
CA ASN A 82 -10.47 28.20 3.24
C ASN A 82 -9.38 29.25 3.14
N SER A 83 -8.56 29.35 4.18
CA SER A 83 -7.49 30.34 4.26
C SER A 83 -6.41 30.01 3.22
N TRP A 84 -6.24 28.71 2.96
CA TRP A 84 -5.25 28.27 2.03
C TRP A 84 -5.74 28.52 0.63
N CYS A 85 -7.03 28.23 0.45
CA CYS A 85 -7.62 28.34 -0.87
C CYS A 85 -7.65 29.80 -1.25
N GLU A 86 -7.86 30.68 -0.27
CA GLU A 86 -7.96 32.09 -0.59
C GLU A 86 -6.60 32.72 -0.94
N ALA A 87 -5.54 32.10 -0.47
CA ALA A 87 -4.18 32.54 -0.68
C ALA A 87 -3.73 32.14 -2.08
N MET A 88 -4.30 31.04 -2.54
CA MET A 88 -4.13 30.53 -3.89
C MET A 88 -4.81 31.49 -4.84
N LYS A 89 -6.04 31.85 -4.52
CA LYS A 89 -6.82 32.76 -5.32
C LYS A 89 -6.15 34.15 -5.38
N LYS A 90 -5.45 34.49 -4.30
CA LYS A 90 -4.79 35.81 -4.17
C LYS A 90 -3.57 35.85 -5.04
N LEU A 91 -2.98 34.67 -5.22
CA LEU A 91 -1.88 34.46 -6.12
C LEU A 91 -2.30 34.55 -7.60
N ARG A 92 -3.43 33.95 -7.94
CA ARG A 92 -3.98 33.98 -9.28
C ARG A 92 -4.30 35.40 -9.71
N GLU A 93 -4.44 36.31 -8.76
CA GLU A 93 -4.82 37.70 -9.08
C GLU A 93 -3.79 38.44 -9.92
N GLU A 94 -2.54 38.05 -9.76
CA GLU A 94 -1.46 38.73 -10.44
C GLU A 94 -0.99 37.90 -11.64
N GLY A 95 -1.95 37.43 -12.43
CA GLY A 95 -1.65 36.78 -13.70
C GLY A 95 -1.88 35.27 -13.66
N PRO A 96 -2.35 34.70 -14.78
CA PRO A 96 -2.67 33.27 -14.95
C PRO A 96 -1.44 32.37 -14.98
N ILE A 97 -0.28 32.92 -15.31
CA ILE A 97 0.96 32.17 -15.13
C ILE A 97 1.37 32.36 -13.69
N ILE A 98 1.33 31.27 -12.93
CA ILE A 98 1.65 31.32 -11.53
C ILE A 98 3.15 31.06 -11.37
N LYS A 99 3.83 31.96 -10.69
CA LYS A 99 5.28 31.90 -10.60
C LYS A 99 5.72 31.06 -9.41
N GLU A 100 6.44 31.69 -8.47
CA GLU A 100 6.98 31.04 -7.28
C GLU A 100 5.81 30.58 -6.46
N ILE A 101 5.80 29.31 -6.09
CA ILE A 101 4.68 28.71 -5.38
C ILE A 101 5.11 28.03 -4.08
N SER A 102 6.42 27.99 -3.85
CA SER A 102 6.98 27.25 -2.71
C SER A 102 6.61 27.91 -1.40
N ASP A 103 6.52 29.23 -1.40
CA ASP A 103 6.12 29.97 -0.21
C ASP A 103 4.68 29.71 0.18
N LEU A 104 3.85 29.36 -0.80
CA LEU A 104 2.46 29.08 -0.51
C LEU A 104 2.39 27.74 0.17
N MET A 105 3.17 26.78 -0.29
CA MET A 105 3.06 25.44 0.22
C MET A 105 3.57 25.31 1.67
N LEU A 106 4.55 26.13 2.02
CA LEU A 106 5.09 26.09 3.38
C LEU A 106 4.10 26.70 4.35
N ALA A 107 3.34 27.69 3.87
CA ALA A 107 2.41 28.41 4.70
C ALA A 107 1.29 27.46 5.21
N ARG A 108 1.16 26.31 4.56
CA ARG A 108 0.17 25.31 4.99
C ARG A 108 0.80 24.01 5.54
N PHE A 109 1.91 23.54 4.96
CA PHE A 109 2.52 22.30 5.45
C PHE A 109 3.79 22.43 6.32
N ASP A 110 4.16 23.64 6.77
CA ASP A 110 5.42 23.82 7.52
C ASP A 110 5.25 24.64 8.82
N GLY A 111 6.06 24.29 9.82
CA GLY A 111 6.04 24.99 11.11
C GLY A 111 4.68 24.93 11.79
N PRO A 112 4.27 26.03 12.43
CA PRO A 112 2.96 26.15 13.12
C PRO A 112 1.82 25.60 12.28
N ALA A 113 1.78 25.99 11.00
CA ALA A 113 0.77 25.52 10.07
C ALA A 113 0.67 24.01 10.07
N ARG A 114 1.83 23.34 10.08
CA ARG A 114 1.86 21.89 10.03
C ARG A 114 1.26 21.36 11.29
N GLU A 115 1.56 22.04 12.39
CA GLU A 115 1.07 21.63 13.69
C GLU A 115 -0.45 21.72 13.69
N GLU A 116 -0.95 22.89 13.27
CA GLU A 116 -2.36 23.20 13.22
C GLU A 116 -3.11 22.17 12.39
N LEU A 117 -2.57 21.84 11.23
CA LEU A 117 -3.31 21.00 10.28
C LEU A 117 -3.40 19.57 10.78
N GLN A 118 -2.31 19.05 11.32
CA GLN A 118 -2.32 17.66 11.72
C GLN A 118 -3.15 17.43 12.97
N GLN A 119 -3.18 18.42 13.86
CA GLN A 119 -4.01 18.32 15.07
C GLN A 119 -5.50 18.20 14.72
N VAL A 120 -5.96 19.10 13.87
CA VAL A 120 -7.36 19.21 13.44
C VAL A 120 -7.78 18.02 12.59
N ALA A 121 -6.98 17.70 11.57
CA ALA A 121 -7.28 16.57 10.75
C ALA A 121 -7.30 15.25 11.54
N ALA A 122 -6.33 15.07 12.43
CA ALA A 122 -6.30 13.91 13.37
C ALA A 122 -7.61 13.77 14.13
N GLN A 123 -7.97 14.84 14.83
CA GLN A 123 -9.18 14.87 15.63
C GLN A 123 -10.42 14.60 14.77
N PHE A 124 -10.41 15.08 13.52
CA PHE A 124 -11.57 14.88 12.65
C PHE A 124 -11.64 13.45 12.11
N CYS A 125 -10.50 12.77 11.94
CA CYS A 125 -10.54 11.45 11.29
C CYS A 125 -10.39 10.24 12.24
N SER A 126 -9.76 10.48 13.40
CA SER A 126 -9.52 9.46 14.42
C SER A 126 -10.63 8.46 14.66
N TYR A 127 -11.82 8.97 15.00
CA TYR A 127 -12.90 8.16 15.52
C TYR A 127 -13.90 7.89 14.45
N GLN A 128 -13.62 8.45 13.28
CA GLN A 128 -14.61 8.51 12.22
C GLN A 128 -15.16 7.13 11.85
N SER A 129 -14.31 6.13 11.74
CA SER A 129 -14.77 4.82 11.31
C SER A 129 -15.77 4.23 12.31
N ILE A 130 -15.62 4.60 13.59
CA ILE A 130 -16.49 4.07 14.65
C ILE A 130 -17.85 4.79 14.61
N ALA A 131 -17.76 6.10 14.46
CA ALA A 131 -18.91 6.98 14.34
C ALA A 131 -19.81 6.58 13.16
N LEU A 132 -19.21 6.28 11.99
CA LEU A 132 -19.95 5.88 10.80
C LEU A 132 -20.72 4.58 10.99
N GLU A 133 -20.11 3.67 11.73
CA GLU A 133 -20.73 2.39 12.02
C GLU A 133 -21.95 2.57 12.92
N LEU A 134 -21.86 3.56 13.79
CA LEU A 134 -22.90 3.89 14.75
C LEU A 134 -24.10 4.44 13.97
N ILE A 135 -23.77 5.27 12.97
CA ILE A 135 -24.73 5.90 12.09
C ILE A 135 -25.47 4.83 11.28
N LYS A 136 -24.72 3.89 10.69
CA LYS A 136 -25.31 2.74 10.03
C LYS A 136 -26.29 1.96 10.95
N THR A 137 -25.84 1.63 12.17
CA THR A 137 -26.73 0.98 13.16
C THR A 137 -27.92 1.86 13.58
N LYS A 138 -27.73 3.18 13.64
CA LYS A 138 -28.79 4.10 14.09
C LYS A 138 -29.92 4.13 13.06
N GLN A 139 -29.56 3.89 11.80
CA GLN A 139 -30.50 3.87 10.70
C GLN A 139 -31.42 2.66 10.77
N ARG A 140 -30.91 1.51 11.19
CA ARG A 140 -31.77 0.34 11.35
C ARG A 140 -32.65 0.53 12.56
N LYS A 141 -32.12 1.19 13.58
CA LYS A 141 -32.84 1.39 14.84
C LYS A 141 -33.99 2.34 14.68
N GLU A 142 -33.72 3.52 14.12
CA GLU A 142 -34.75 4.56 13.99
C GLU A 142 -35.25 4.79 12.55
N SER A 143 -36.58 4.79 12.41
CA SER A 143 -37.26 5.16 11.18
C SER A 143 -36.97 6.60 10.88
N ARG A 144 -37.05 7.40 11.94
CA ARG A 144 -36.93 8.83 11.88
C ARG A 144 -35.57 9.30 11.39
N PHE A 145 -34.54 8.49 11.63
CA PHE A 145 -33.15 8.79 11.26
C PHE A 145 -32.87 8.31 9.85
N GLN A 146 -33.46 7.18 9.48
CA GLN A 146 -33.33 6.65 8.13
C GLN A 146 -34.02 7.60 7.16
N LEU A 147 -35.09 8.24 7.60
CA LEU A 147 -35.79 9.19 6.76
C LEU A 147 -34.91 10.39 6.51
N PHE A 148 -34.23 10.85 7.54
CA PHE A 148 -33.37 12.00 7.44
C PHE A 148 -32.14 11.76 6.49
N MET A 149 -31.55 10.57 6.60
CA MET A 149 -30.41 10.20 5.80
C MET A 149 -30.77 10.08 4.34
N GLN A 150 -31.92 9.50 4.06
CA GLN A 150 -32.41 9.46 2.69
C GLN A 150 -32.73 10.86 2.19
N GLU A 151 -33.28 11.72 3.03
CA GLU A 151 -33.56 13.10 2.61
C GLU A 151 -32.28 13.87 2.31
N ALA A 152 -31.28 13.71 3.17
CA ALA A 152 -30.08 14.49 3.07
C ALA A 152 -29.20 14.00 1.91
N GLU A 153 -29.18 12.69 1.65
CA GLU A 153 -28.34 12.13 0.59
C GLU A 153 -28.93 12.37 -0.80
N SER A 154 -30.22 12.68 -0.84
CA SER A 154 -30.89 13.00 -2.08
C SER A 154 -30.80 14.50 -2.35
N HIS A 155 -30.35 15.28 -1.39
CA HIS A 155 -30.11 16.69 -1.66
C HIS A 155 -29.16 16.91 -2.86
N PRO A 156 -29.52 17.86 -3.75
CA PRO A 156 -28.73 18.24 -4.91
C PRO A 156 -27.26 18.58 -4.59
N GLN A 157 -27.04 19.26 -3.48
CA GLN A 157 -25.73 19.71 -3.09
C GLN A 157 -24.71 18.56 -2.91
N CYS A 158 -25.16 17.40 -2.44
CA CYS A 158 -24.37 16.17 -2.35
C CYS A 158 -24.07 15.54 -3.69
N ARG A 159 -24.80 15.93 -4.73
CA ARG A 159 -24.62 15.40 -6.07
C ARG A 159 -24.52 13.89 -6.08
N ARG A 160 -25.52 13.24 -5.50
CA ARG A 160 -25.72 11.78 -5.47
C ARG A 160 -24.66 11.05 -4.64
N LEU A 161 -24.02 11.79 -3.76
CA LEU A 161 -23.09 11.13 -2.83
C LEU A 161 -23.66 10.88 -1.40
N GLN A 162 -23.31 9.72 -0.86
CA GLN A 162 -23.68 9.37 0.49
C GLN A 162 -22.76 10.02 1.54
N LEU A 163 -23.08 9.85 2.82
CA LEU A 163 -22.31 10.48 3.87
C LEU A 163 -20.92 9.91 3.86
N ARG A 164 -20.87 8.59 3.69
CA ARG A 164 -19.59 7.91 3.82
C ARG A 164 -18.56 8.40 2.82
N ASP A 165 -19.01 8.79 1.62
CA ASP A 165 -18.14 9.31 0.59
C ASP A 165 -17.69 10.72 0.81
N LEU A 166 -18.54 11.55 1.36
CA LEU A 166 -18.13 12.93 1.57
C LEU A 166 -17.18 13.08 2.75
N ILE A 167 -17.24 12.18 3.71
CA ILE A 167 -16.62 12.50 4.98
C ILE A 167 -15.19 11.98 4.99
N ILE A 168 -15.00 10.90 4.24
CA ILE A 168 -13.73 10.28 3.98
C ILE A 168 -12.85 11.18 3.07
N SER A 169 -13.45 12.22 2.49
CA SER A 169 -12.72 13.13 1.62
C SER A 169 -11.46 13.77 2.24
N GLU A 170 -11.47 14.04 3.52
CA GLU A 170 -10.27 14.59 4.18
C GLU A 170 -9.01 13.72 4.11
N MET A 171 -9.21 12.42 4.28
CA MET A 171 -8.17 11.47 4.19
C MET A 171 -7.68 11.37 2.77
N GLN A 172 -8.64 11.26 1.85
CA GLN A 172 -8.34 11.19 0.44
C GLN A 172 -7.48 12.37 0.05
N ARG A 173 -7.82 13.52 0.61
CA ARG A 173 -7.14 14.75 0.33
C ARG A 173 -5.74 14.74 0.89
N LEU A 174 -5.60 14.29 2.13
CA LEU A 174 -4.29 14.28 2.74
C LEU A 174 -3.36 13.23 2.15
N THR A 175 -3.97 12.20 1.57
CA THR A 175 -3.25 11.13 0.91
C THR A 175 -2.86 11.55 -0.54
N LYS A 176 -3.49 12.61 -1.05
CA LYS A 176 -3.24 13.10 -2.40
C LYS A 176 -2.19 14.21 -2.41
N TYR A 177 -2.07 14.95 -1.31
CA TYR A 177 -1.16 16.08 -1.29
C TYR A 177 0.26 15.69 -1.73
N PRO A 178 0.83 14.63 -1.11
CA PRO A 178 2.19 14.22 -1.49
C PRO A 178 2.36 13.89 -2.99
N LEU A 179 1.43 13.17 -3.61
CA LEU A 179 1.53 12.89 -5.07
C LEU A 179 1.42 14.15 -5.89
N LEU A 180 0.63 15.11 -5.43
CA LEU A 180 0.42 16.34 -6.17
C LEU A 180 1.64 17.24 -6.14
N LEU A 181 2.31 17.31 -5.00
CA LEU A 181 3.56 18.03 -4.91
C LEU A 181 4.62 17.38 -5.78
N GLU A 182 4.67 16.04 -5.74
CA GLU A 182 5.67 15.27 -6.46
C GLU A 182 5.68 15.62 -7.94
N SER A 183 4.50 15.79 -8.53
CA SER A 183 4.40 16.13 -9.93
C SER A 183 4.87 17.54 -10.16
N ILE A 184 4.62 18.43 -9.22
CA ILE A 184 5.12 19.79 -9.36
C ILE A 184 6.66 19.82 -9.36
N ILE A 185 7.25 19.11 -8.43
CA ILE A 185 8.69 18.92 -8.31
C ILE A 185 9.29 18.26 -9.58
N LYS A 186 8.54 17.34 -10.19
CA LYS A 186 8.91 16.69 -11.44
C LYS A 186 9.16 17.73 -12.55
N HIS A 187 8.37 18.80 -12.52
CA HIS A 187 8.39 19.85 -13.54
C HIS A 187 8.90 21.17 -12.96
N THR A 188 9.83 21.10 -12.00
CA THR A 188 10.53 22.29 -11.56
C THR A 188 12.04 22.23 -11.87
N GLU A 189 12.61 23.39 -12.20
CA GLU A 189 14.05 23.53 -12.41
C GLU A 189 14.79 23.02 -11.19
N GLY A 190 15.65 22.03 -11.41
CA GLY A 190 16.36 21.35 -10.31
C GLY A 190 17.60 22.08 -9.82
N GLY A 191 17.70 22.30 -8.51
CA GLY A 191 18.84 23.01 -7.92
C GLY A 191 18.57 24.48 -7.65
N THR A 192 17.32 24.88 -7.82
CA THR A 192 16.89 26.22 -7.42
C THR A 192 16.35 26.21 -5.98
N SER A 193 16.15 27.41 -5.46
CA SER A 193 15.61 27.62 -4.13
C SER A 193 14.19 27.09 -4.04
N GLU A 194 13.42 27.43 -5.08
CA GLU A 194 12.10 26.87 -5.31
C GLU A 194 12.14 25.33 -5.19
N HIS A 195 12.94 24.66 -6.01
CA HIS A 195 13.00 23.18 -5.97
C HIS A 195 13.20 22.64 -4.56
N GLU A 196 14.26 23.07 -3.87
CA GLU A 196 14.49 22.54 -2.53
C GLU A 196 13.28 22.73 -1.56
N LYS A 197 12.59 23.85 -1.69
CA LYS A 197 11.56 24.22 -0.74
C LYS A 197 10.31 23.37 -0.90
N LEU A 198 9.98 23.02 -2.14
CA LEU A 198 8.87 22.11 -2.43
C LEU A 198 9.17 20.72 -1.88
N CYS A 199 10.42 20.29 -2.03
CA CYS A 199 10.87 19.02 -1.46
C CYS A 199 10.63 19.03 0.04
N ARG A 200 10.85 20.19 0.65
CA ARG A 200 10.74 20.33 2.07
C ARG A 200 9.26 20.24 2.40
N ALA A 201 8.45 20.95 1.63
CA ALA A 201 7.00 20.85 1.73
C ALA A 201 6.50 19.41 1.50
N ARG A 202 7.01 18.75 0.46
CA ARG A 202 6.58 17.39 0.16
C ARG A 202 6.84 16.48 1.33
N ASP A 203 8.07 16.55 1.85
CA ASP A 203 8.44 15.69 2.97
C ASP A 203 7.45 15.76 4.17
N GLN A 204 7.08 16.98 4.55
CA GLN A 204 6.13 17.25 5.64
C GLN A 204 4.69 16.72 5.36
N CYS A 205 4.23 16.78 4.12
CA CYS A 205 2.98 16.14 3.78
C CYS A 205 2.94 14.68 4.15
N ARG A 206 4.04 13.97 3.90
CA ARG A 206 4.09 12.54 4.23
C ARG A 206 4.13 12.35 5.73
N GLU A 207 4.76 13.30 6.44
CA GLU A 207 4.80 13.30 7.89
C GLU A 207 3.40 13.46 8.52
N ILE A 208 2.63 14.36 7.92
CA ILE A 208 1.30 14.69 8.37
C ILE A 208 0.44 13.47 8.06
N LEU A 209 0.68 12.90 6.88
CA LEU A 209 -0.06 11.71 6.51
C LEU A 209 0.14 10.67 7.60
N LYS A 210 1.40 10.40 7.93
CA LYS A 210 1.74 9.38 8.93
C LYS A 210 1.11 9.70 10.29
N TYR A 211 1.22 10.95 10.69
CA TYR A 211 0.69 11.43 11.94
C TYR A 211 -0.82 11.17 12.07
N VAL A 212 -1.57 11.48 11.01
CA VAL A 212 -3.03 11.32 11.01
C VAL A 212 -3.43 9.84 10.95
N ASN A 213 -2.87 9.10 10.00
CA ASN A 213 -3.06 7.66 9.99
C ASN A 213 -2.74 7.05 11.33
N GLU A 214 -1.75 7.61 12.01
CA GLU A 214 -1.32 7.08 13.30
C GLU A 214 -2.40 7.22 14.35
N ALA A 215 -2.95 8.43 14.46
CA ALA A 215 -4.01 8.71 15.38
C ALA A 215 -5.25 7.87 15.07
N VAL A 216 -5.56 7.67 13.78
CA VAL A 216 -6.64 6.76 13.40
C VAL A 216 -6.34 5.36 13.91
N LYS A 217 -5.13 4.89 13.64
CA LYS A 217 -4.63 3.61 14.15
C LYS A 217 -4.74 3.48 15.69
N GLN A 218 -4.48 4.56 16.41
CA GLN A 218 -4.47 4.47 17.85
C GLN A 218 -5.88 4.40 18.45
N THR A 219 -6.76 5.24 17.92
CA THR A 219 -8.14 5.30 18.30
C THR A 219 -8.83 3.97 17.96
N GLU A 220 -8.59 3.46 16.76
CA GLU A 220 -9.13 2.15 16.40
C GLU A 220 -8.66 1.07 17.37
N ASN A 221 -7.41 1.19 17.83
CA ASN A 221 -6.91 0.19 18.77
C ASN A 221 -7.63 0.29 20.13
N ARG A 222 -7.76 1.51 20.66
CA ARG A 222 -8.45 1.76 21.93
C ARG A 222 -9.84 1.17 21.90
N HIS A 223 -10.47 1.27 20.74
CA HIS A 223 -11.80 0.78 20.53
C HIS A 223 -11.83 -0.74 20.43
N ARG A 224 -10.81 -1.33 19.83
CA ARG A 224 -10.72 -2.79 19.79
C ARG A 224 -10.53 -3.40 21.20
N LEU A 225 -9.79 -2.68 22.05
CA LEU A 225 -9.49 -3.16 23.39
C LEU A 225 -10.75 -3.15 24.22
N GLU A 226 -11.47 -2.03 24.14
CA GLU A 226 -12.77 -1.92 24.76
C GLU A 226 -13.60 -3.17 24.46
N GLY A 227 -13.60 -3.55 23.19
CA GLY A 227 -14.37 -4.68 22.73
C GLY A 227 -13.88 -5.96 23.34
N TYR A 228 -12.56 -6.09 23.39
CA TYR A 228 -11.93 -7.31 23.89
C TYR A 228 -12.13 -7.49 25.39
N GLN A 229 -12.20 -6.38 26.11
CA GLN A 229 -12.43 -6.39 27.53
C GLN A 229 -13.79 -6.99 27.93
N LYS A 230 -14.83 -6.65 27.17
CA LYS A 230 -16.15 -7.29 27.30
C LYS A 230 -16.16 -8.80 27.09
N ARG A 231 -15.27 -9.31 26.23
CA ARG A 231 -15.21 -10.76 25.94
C ARG A 231 -14.12 -11.52 26.74
N LEU A 232 -13.48 -10.83 27.66
CA LEU A 232 -12.43 -11.42 28.45
C LEU A 232 -12.97 -12.25 29.65
N ASP A 233 -12.52 -13.49 29.70
CA ASP A 233 -12.78 -14.36 30.81
C ASP A 233 -11.44 -14.69 31.51
N ALA A 234 -11.20 -14.07 32.66
CA ALA A 234 -9.93 -14.24 33.42
C ALA A 234 -10.21 -15.01 34.71
N THR A 235 -11.25 -15.83 34.66
CA THR A 235 -11.83 -16.51 35.81
C THR A 235 -10.87 -17.49 36.43
N ALA A 236 -10.14 -18.19 35.57
CA ALA A 236 -9.26 -19.26 36.04
C ALA A 236 -8.09 -18.68 36.83
N LEU A 237 -7.81 -17.40 36.62
CA LEU A 237 -6.73 -16.73 37.32
C LEU A 237 -7.02 -16.41 38.79
N GLU A 238 -8.27 -16.62 39.22
CA GLU A 238 -8.65 -16.41 40.62
C GLU A 238 -8.25 -17.61 41.47
N ARG A 239 -8.19 -18.80 40.84
CA ARG A 239 -7.72 -20.02 41.49
C ARG A 239 -6.18 -20.08 41.61
N ALA A 240 -5.49 -19.11 40.98
CA ALA A 240 -4.02 -18.91 41.14
C ALA A 240 -3.13 -20.13 40.96
N SER A 241 -2.29 -20.38 41.96
CA SER A 241 -1.19 -21.37 41.97
C SER A 241 0.10 -20.86 41.27
N ASN A 242 -0.03 -20.37 40.04
CA ASN A 242 1.04 -19.66 39.40
C ASN A 242 1.05 -18.20 39.83
N PRO A 243 2.09 -17.79 40.55
CA PRO A 243 2.14 -16.46 41.18
C PRO A 243 2.14 -15.31 40.19
N LEU A 244 2.65 -15.55 38.99
CA LEU A 244 2.72 -14.53 37.95
C LEU A 244 1.35 -14.32 37.30
N ALA A 245 0.72 -15.41 36.86
CA ALA A 245 -0.69 -15.40 36.43
C ALA A 245 -1.67 -14.74 37.45
N ALA A 246 -1.47 -15.01 38.74
CA ALA A 246 -2.33 -14.48 39.80
C ALA A 246 -2.39 -12.97 39.86
N GLU A 247 -1.44 -12.30 39.22
CA GLU A 247 -1.44 -10.86 39.25
C GLU A 247 -2.57 -10.32 38.38
N PHE A 248 -2.99 -11.14 37.42
CA PHE A 248 -3.89 -10.66 36.42
C PHE A 248 -5.29 -11.25 36.49
N LYS A 249 -5.78 -11.48 37.72
CA LYS A 249 -7.12 -12.01 37.94
C LYS A 249 -8.16 -11.01 37.52
N SER A 250 -7.85 -9.72 37.63
CA SER A 250 -8.78 -8.68 37.19
C SER A 250 -8.08 -7.67 36.28
N LEU A 251 -7.62 -8.21 35.13
CA LEU A 251 -6.67 -7.58 34.22
C LEU A 251 -7.00 -6.13 33.81
N ASP A 252 -8.05 -5.96 33.03
CA ASP A 252 -8.37 -4.66 32.41
C ASP A 252 -7.42 -4.13 31.28
N LEU A 253 -7.68 -4.52 30.05
CA LEU A 253 -6.85 -4.08 28.91
C LEU A 253 -6.91 -2.56 28.64
N THR A 254 -8.03 -1.94 28.99
CA THR A 254 -8.30 -0.52 28.76
C THR A 254 -7.24 0.46 29.29
N THR A 255 -6.53 0.08 30.34
CA THR A 255 -5.51 0.95 30.95
C THR A 255 -4.16 1.04 30.18
N ARG A 256 -4.03 0.23 29.12
CA ARG A 256 -2.83 0.09 28.29
C ARG A 256 -3.15 0.36 26.84
N LYS A 257 -2.15 0.73 26.03
CA LYS A 257 -2.25 0.81 24.57
C LYS A 257 -1.80 -0.46 23.87
N MET A 258 -2.54 -0.85 22.83
CA MET A 258 -2.13 -1.97 21.98
C MET A 258 -1.10 -1.56 20.91
N ILE A 259 -0.04 -2.35 20.80
CA ILE A 259 0.95 -2.17 19.79
C ILE A 259 0.66 -3.08 18.61
N HIS A 260 0.37 -4.36 18.81
CA HIS A 260 0.18 -5.28 17.68
C HIS A 260 -0.65 -6.44 18.12
N GLU A 261 -1.17 -7.24 17.19
CA GLU A 261 -2.06 -8.37 17.58
C GLU A 261 -2.13 -9.35 16.43
N GLY A 262 -2.51 -10.60 16.69
CA GLY A 262 -2.67 -11.53 15.59
C GLY A 262 -2.57 -12.95 16.06
N PRO A 263 -2.83 -13.90 15.17
CA PRO A 263 -2.79 -15.31 15.51
C PRO A 263 -1.40 -15.95 15.47
N LEU A 264 -1.03 -16.62 16.55
CA LEU A 264 0.18 -17.43 16.69
C LEU A 264 -0.17 -18.82 17.25
N THR A 265 0.44 -19.84 16.68
CA THR A 265 0.33 -21.18 17.20
C THR A 265 1.41 -21.37 18.26
N TRP A 266 1.01 -21.91 19.41
CA TRP A 266 1.90 -22.09 20.57
C TRP A 266 2.33 -23.54 20.75
N ARG A 267 3.65 -23.78 20.63
CA ARG A 267 4.26 -25.11 20.74
C ARG A 267 4.53 -25.46 22.22
N ILE A 268 3.49 -25.86 22.88
CA ILE A 268 3.57 -26.02 24.33
C ILE A 268 4.43 -27.25 24.68
N SER A 269 4.46 -28.20 23.76
CA SER A 269 5.11 -29.47 24.00
C SER A 269 5.45 -30.18 22.70
N LYS A 270 5.94 -31.40 22.82
CA LYS A 270 6.14 -32.27 21.67
C LYS A 270 4.75 -32.78 21.26
N ASP A 271 4.39 -32.54 20.00
CA ASP A 271 3.10 -32.98 19.49
C ASP A 271 1.93 -32.45 20.34
N LYS A 272 2.10 -31.24 20.89
CA LYS A 272 0.99 -30.54 21.50
C LYS A 272 1.07 -29.08 21.12
N THR A 273 0.01 -28.62 20.43
CA THR A 273 -0.06 -27.27 19.93
C THR A 273 -1.37 -26.63 20.40
N LEU A 274 -1.39 -25.31 20.46
CA LEU A 274 -2.55 -24.58 20.86
C LEU A 274 -2.60 -23.30 20.06
N ASP A 275 -3.74 -23.04 19.42
CA ASP A 275 -3.89 -21.81 18.65
C ASP A 275 -4.28 -20.65 19.55
N LEU A 276 -3.58 -19.54 19.45
CA LEU A 276 -3.85 -18.39 20.30
C LEU A 276 -4.09 -17.17 19.46
N HIS A 277 -4.48 -16.11 20.13
CA HIS A 277 -4.51 -14.83 19.49
C HIS A 277 -3.81 -13.95 20.51
N VAL A 278 -2.69 -13.37 20.11
CA VAL A 278 -1.90 -12.73 21.10
C VAL A 278 -1.97 -11.24 20.92
N LEU A 279 -1.89 -10.52 22.02
CA LEU A 279 -1.91 -9.07 22.05
C LEU A 279 -0.56 -8.61 22.57
N LEU A 280 0.01 -7.64 21.87
CA LEU A 280 1.17 -6.97 22.31
C LEU A 280 0.80 -5.61 22.87
N LEU A 281 0.92 -5.39 24.18
CA LEU A 281 0.65 -4.07 24.74
C LEU A 281 1.95 -3.40 25.20
N GLU A 282 1.84 -2.17 25.70
CA GLU A 282 3.05 -1.44 26.08
C GLU A 282 3.88 -2.21 27.10
N ASP A 283 3.22 -2.83 28.08
CA ASP A 283 3.95 -3.43 29.17
C ASP A 283 3.76 -4.94 29.25
N LEU A 284 2.92 -5.50 28.40
CA LEU A 284 2.51 -6.89 28.60
C LEU A 284 2.30 -7.59 27.29
N LEU A 285 2.45 -8.90 27.33
CA LEU A 285 2.07 -9.74 26.23
C LEU A 285 1.02 -10.69 26.81
N VAL A 286 -0.21 -10.58 26.35
CA VAL A 286 -1.27 -11.42 26.89
C VAL A 286 -1.64 -12.45 25.83
N LEU A 287 -1.66 -13.72 26.21
CA LEU A 287 -1.94 -14.83 25.30
C LEU A 287 -3.34 -15.27 25.52
N LEU A 288 -4.16 -15.27 24.49
CA LEU A 288 -5.57 -15.43 24.62
C LEU A 288 -6.05 -16.62 23.84
N GLN A 289 -6.79 -17.51 24.48
CA GLN A 289 -7.39 -18.63 23.79
C GLN A 289 -8.88 -18.39 23.50
N LYS A 290 -9.39 -18.94 22.41
CA LYS A 290 -10.80 -18.72 22.06
C LYS A 290 -11.71 -19.94 22.24
N GLN A 291 -12.85 -19.76 22.92
CA GLN A 291 -13.90 -20.81 22.96
C GLN A 291 -14.91 -20.62 21.84
N ASP A 292 -15.79 -19.65 22.04
CA ASP A 292 -16.67 -19.26 20.96
C ASP A 292 -16.41 -17.80 20.68
N GLU A 293 -16.98 -16.96 21.55
CA GLU A 293 -16.91 -15.53 21.43
C GLU A 293 -16.16 -15.05 22.65
N LYS A 294 -15.71 -16.00 23.46
CA LYS A 294 -14.93 -15.64 24.63
C LYS A 294 -13.39 -15.60 24.39
N LEU A 295 -12.74 -14.68 25.09
CA LEU A 295 -11.30 -14.62 25.14
C LEU A 295 -10.77 -15.07 26.51
N LEU A 296 -10.29 -16.31 26.54
CA LEU A 296 -9.84 -16.98 27.75
C LEU A 296 -8.44 -16.65 28.24
N LEU A 297 -8.28 -16.46 29.55
CA LEU A 297 -6.98 -16.46 30.22
C LEU A 297 -6.83 -17.67 31.12
N LYS A 298 -5.98 -18.60 30.74
CA LYS A 298 -5.81 -19.85 31.49
C LYS A 298 -4.35 -20.06 31.81
N CYS A 299 -4.01 -21.08 32.58
CA CYS A 299 -2.61 -21.30 32.89
C CYS A 299 -1.92 -22.29 31.98
N HIS A 300 -2.57 -23.42 31.73
CA HIS A 300 -2.02 -24.39 30.76
C HIS A 300 -0.85 -25.17 31.36
N SER A 301 -1.03 -26.48 31.42
CA SER A 301 -0.04 -27.36 32.03
C SER A 301 0.91 -27.94 31.00
N LYS A 302 1.97 -28.59 31.51
CA LYS A 302 2.98 -29.22 30.68
C LYS A 302 2.48 -30.53 30.07
N GLN A 312 3.38 -27.93 37.32
CA GLN A 312 3.91 -26.62 36.91
C GLN A 312 3.23 -26.03 35.64
N THR A 313 2.87 -24.74 35.70
CA THR A 313 2.02 -24.15 34.66
C THR A 313 2.66 -22.93 34.00
N PHE A 314 2.12 -22.53 32.86
CA PHE A 314 2.54 -21.30 32.17
C PHE A 314 1.62 -20.12 32.52
N SER A 315 2.13 -18.90 32.62
CA SER A 315 1.28 -17.76 32.84
C SER A 315 0.85 -17.21 31.51
N PRO A 316 -0.45 -16.93 31.36
CA PRO A 316 -0.98 -16.40 30.11
C PRO A 316 -0.56 -14.96 29.86
N VAL A 317 -0.16 -14.23 30.91
CA VAL A 317 0.25 -12.84 30.75
C VAL A 317 1.72 -12.68 31.13
N LEU A 318 2.54 -12.15 30.22
CA LEU A 318 3.94 -11.92 30.52
C LEU A 318 4.27 -10.46 30.57
N LYS A 319 5.05 -10.06 31.56
CA LYS A 319 5.49 -8.69 31.70
C LYS A 319 6.70 -8.49 30.80
N LEU A 320 6.66 -7.46 29.96
CA LEU A 320 7.70 -7.25 28.97
C LEU A 320 9.01 -6.84 29.62
N ASN A 321 8.95 -6.39 30.88
CA ASN A 321 10.17 -5.93 31.52
C ASN A 321 10.92 -7.08 32.15
N ALA A 322 10.50 -8.30 31.79
CA ALA A 322 11.06 -9.50 32.36
C ALA A 322 10.96 -10.64 31.35
N VAL A 323 11.20 -10.34 30.09
CA VAL A 323 11.27 -11.36 29.06
C VAL A 323 12.49 -11.18 28.19
N LEU A 324 12.85 -12.23 27.48
CA LEU A 324 13.90 -12.19 26.48
C LEU A 324 13.28 -12.64 25.17
N ILE A 325 13.73 -12.05 24.06
CA ILE A 325 13.23 -12.39 22.72
C ILE A 325 14.37 -13.02 21.89
N ARG A 326 14.15 -14.22 21.36
CA ARG A 326 15.17 -14.92 20.58
C ARG A 326 14.52 -15.65 19.44
N SER A 327 15.26 -15.77 18.33
CA SER A 327 14.84 -16.47 17.12
C SER A 327 15.14 -17.96 17.21
N VAL A 328 14.19 -18.79 16.80
CA VAL A 328 14.42 -20.23 16.63
C VAL A 328 15.21 -20.34 15.33
N ALA A 329 16.39 -20.94 15.41
CA ALA A 329 17.29 -21.00 14.26
C ALA A 329 16.91 -22.12 13.31
N THR A 330 16.37 -23.22 13.83
CA THR A 330 15.86 -24.29 12.95
C THR A 330 14.49 -24.00 12.27
N ASP A 331 13.79 -22.93 12.69
CA ASP A 331 12.44 -22.65 12.23
C ASP A 331 12.33 -21.17 12.02
N LYS A 332 12.32 -20.75 10.75
CA LYS A 332 12.17 -19.36 10.46
C LYS A 332 10.74 -18.81 10.61
N ARG A 333 9.80 -19.69 10.94
CA ARG A 333 8.43 -19.28 11.31
C ARG A 333 8.29 -18.97 12.80
N ALA A 334 9.05 -19.70 13.63
CA ALA A 334 8.96 -19.69 15.11
C ALA A 334 9.91 -18.72 15.81
N PHE A 335 9.51 -18.22 16.98
CA PHE A 335 10.45 -17.47 17.84
C PHE A 335 10.26 -17.77 19.34
N PHE A 336 11.28 -17.59 20.16
CA PHE A 336 11.14 -17.85 21.61
C PHE A 336 10.86 -16.57 22.37
N ILE A 337 9.97 -16.67 23.32
CA ILE A 337 9.90 -15.66 24.36
C ILE A 337 10.27 -16.38 25.66
N ILE A 338 11.30 -15.89 26.35
CA ILE A 338 11.67 -16.46 27.65
C ILE A 338 11.25 -15.55 28.79
N CYS A 339 10.39 -16.09 29.67
CA CYS A 339 9.87 -15.34 30.82
C CYS A 339 10.87 -15.49 31.93
N THR A 340 11.36 -14.35 32.41
CA THR A 340 12.46 -14.34 33.39
C THR A 340 11.95 -13.82 34.72
N SER A 341 10.63 -13.85 34.91
CA SER A 341 10.03 -13.30 36.13
C SER A 341 10.43 -14.13 37.30
N LYS A 342 10.77 -13.44 38.39
CA LYS A 342 11.24 -14.10 39.61
C LYS A 342 10.02 -14.64 40.38
N LEU A 343 10.20 -15.24 41.54
CA LEU A 343 9.05 -15.73 42.34
C LEU A 343 8.45 -17.02 41.79
N GLY A 344 8.79 -17.32 40.54
CA GLY A 344 8.37 -18.56 39.88
C GLY A 344 9.50 -19.10 39.00
N PRO A 345 9.41 -20.39 38.61
CA PRO A 345 10.35 -20.96 37.66
C PRO A 345 10.20 -20.25 36.32
N PRO A 346 11.33 -19.93 35.66
CA PRO A 346 11.39 -19.27 34.33
C PRO A 346 10.88 -20.21 33.26
N GLN A 347 10.44 -19.66 32.12
CA GLN A 347 9.83 -20.51 31.08
C GLN A 347 10.06 -20.09 29.64
N ILE A 348 10.03 -21.10 28.77
CA ILE A 348 10.19 -20.95 27.31
C ILE A 348 8.86 -21.05 26.59
N TYR A 349 8.40 -19.92 26.04
CA TYR A 349 7.28 -19.91 25.14
C TYR A 349 7.76 -19.98 23.69
N GLU A 350 7.46 -21.07 22.99
CA GLU A 350 7.78 -21.19 21.57
C GLU A 350 6.55 -20.89 20.73
N LEU A 351 6.58 -19.75 20.03
CA LEU A 351 5.42 -19.25 19.29
C LEU A 351 5.67 -19.25 17.77
N VAL A 352 4.76 -19.82 16.97
CA VAL A 352 4.94 -19.96 15.52
C VAL A 352 4.08 -18.96 14.74
N ALA A 353 4.68 -18.29 13.76
CA ALA A 353 3.98 -17.28 12.95
C ALA A 353 3.50 -17.88 11.64
N LEU A 354 2.67 -17.12 10.92
CA LEU A 354 2.04 -17.66 9.71
C LEU A 354 3.06 -17.82 8.60
N THR A 355 3.86 -16.78 8.40
CA THR A 355 4.86 -16.83 7.37
C THR A 355 6.19 -16.34 7.95
N SER A 356 7.28 -16.49 7.18
CA SER A 356 8.57 -15.95 7.61
C SER A 356 8.50 -14.46 7.78
N SER A 357 7.73 -13.80 6.93
CA SER A 357 7.68 -12.38 6.97
C SER A 357 6.93 -11.91 8.19
N ASP A 358 5.98 -12.75 8.62
CA ASP A 358 5.17 -12.45 9.78
C ASP A 358 5.99 -12.62 11.08
N LYS A 359 6.79 -13.68 11.13
CA LYS A 359 7.81 -13.88 12.16
C LYS A 359 8.72 -12.67 12.32
N ASN A 360 9.23 -12.12 11.21
CA ASN A 360 10.08 -10.94 11.30
C ASN A 360 9.33 -9.72 11.85
N THR A 361 8.05 -9.58 11.49
CA THR A 361 7.25 -8.45 11.95
C THR A 361 6.99 -8.49 13.47
N TRP A 362 6.65 -9.69 13.96
CA TRP A 362 6.54 -9.90 15.41
C TRP A 362 7.84 -9.61 16.12
N MET A 363 8.93 -10.25 15.71
CA MET A 363 10.27 -10.05 16.27
C MET A 363 10.61 -8.59 16.38
N GLU A 364 10.32 -7.86 15.32
CA GLU A 364 10.71 -6.48 15.26
C GLU A 364 9.91 -5.69 16.27
N LEU A 365 8.61 -5.95 16.33
CA LEU A 365 7.78 -5.16 17.24
C LEU A 365 8.02 -5.56 18.70
N LEU A 366 8.26 -6.85 18.91
CA LEU A 366 8.63 -7.37 20.21
C LEU A 366 9.90 -6.70 20.78
N GLU A 367 11.01 -6.74 20.04
CA GLU A 367 12.26 -6.15 20.50
C GLU A 367 12.11 -4.68 20.86
N GLU A 368 11.31 -3.98 20.08
CA GLU A 368 11.13 -2.56 20.27
C GLU A 368 10.38 -2.32 21.60
N ALA A 369 9.37 -3.13 21.86
CA ALA A 369 8.50 -2.91 23.00
C ALA A 369 9.23 -3.29 24.28
N VAL A 370 9.97 -4.39 24.25
CA VAL A 370 10.82 -4.80 25.38
C VAL A 370 11.84 -3.73 25.75
N ARG A 371 12.49 -3.15 24.75
CA ARG A 371 13.42 -2.07 24.99
C ARG A 371 12.73 -0.89 25.65
N ASN A 372 11.54 -0.52 25.19
CA ASN A 372 10.86 0.63 25.76
C ASN A 372 10.27 0.34 27.12
N ALA A 373 10.02 -0.93 27.38
CA ALA A 373 9.59 -1.34 28.69
C ALA A 373 10.78 -1.28 29.63
N THR A 374 11.94 -1.72 29.17
CA THR A 374 13.11 -1.78 30.05
C THR A 374 13.93 -0.49 30.04
N ASN B 7 25.13 -7.17 15.06
CA ASN B 7 25.98 -5.97 14.97
C ASN B 7 27.33 -6.28 14.37
N TRP B 8 27.85 -5.30 13.65
CA TRP B 8 29.13 -5.39 13.00
C TRP B 8 30.25 -5.07 14.00
N GLN B 9 29.99 -4.20 14.96
CA GLN B 9 30.99 -3.82 15.94
C GLN B 9 31.31 -4.91 16.96
N HIS B 10 30.44 -5.92 17.09
CA HIS B 10 30.71 -7.07 17.97
C HIS B 10 31.64 -8.07 17.32
N THR B 11 31.54 -8.15 16.01
CA THR B 11 32.53 -8.84 15.20
C THR B 11 33.68 -7.83 15.08
N VAL B 12 34.71 -8.20 14.33
CA VAL B 12 35.84 -7.31 14.11
C VAL B 12 36.67 -7.02 15.36
N GLY B 13 36.00 -6.64 16.45
CA GLY B 13 36.70 -6.22 17.67
C GLY B 13 36.62 -4.73 17.92
N LYS B 14 37.33 -4.26 18.94
CA LYS B 14 37.29 -2.85 19.32
C LYS B 14 38.60 -2.10 19.03
N ASP B 15 39.59 -2.82 18.53
CA ASP B 15 40.80 -2.20 17.98
C ASP B 15 40.47 -1.58 16.63
N VAL B 16 39.49 -2.20 15.97
CA VAL B 16 38.95 -1.75 14.68
C VAL B 16 38.03 -0.53 14.83
N VAL B 17 37.16 -0.55 15.84
CA VAL B 17 36.29 0.59 16.13
C VAL B 17 37.10 1.85 16.44
N ALA B 18 38.31 1.64 16.95
CA ALA B 18 39.38 2.65 17.09
C ALA B 18 38.88 4.10 17.23
N GLY B 19 39.34 4.97 16.32
CA GLY B 19 38.94 6.36 16.33
C GLY B 19 37.88 6.65 15.28
N LEU B 20 36.91 5.75 15.14
CA LEU B 20 35.81 5.95 14.20
C LEU B 20 34.76 6.91 14.75
N THR B 21 34.17 7.70 13.87
CA THR B 21 33.08 8.60 14.25
C THR B 21 31.76 7.85 14.33
N GLN B 22 30.81 8.37 15.10
CA GLN B 22 29.49 7.74 15.25
C GLN B 22 28.84 7.45 13.90
N ARG B 23 28.69 8.50 13.09
CA ARG B 23 28.14 8.38 11.74
C ARG B 23 28.74 7.18 10.97
N GLU B 24 30.07 7.04 11.06
CA GLU B 24 30.80 6.03 10.32
C GLU B 24 30.54 4.61 10.84
N ILE B 25 30.32 4.52 12.15
CA ILE B 25 29.94 3.24 12.74
C ILE B 25 28.54 2.86 12.27
N ASP B 26 27.63 3.83 12.27
CA ASP B 26 26.28 3.52 11.82
C ASP B 26 26.33 3.11 10.35
N ARG B 27 27.28 3.70 9.62
CA ARG B 27 27.43 3.43 8.21
C ARG B 27 27.91 2.01 7.93
N GLN B 28 28.90 1.55 8.70
CA GLN B 28 29.39 0.18 8.54
C GLN B 28 28.31 -0.83 8.91
N GLU B 29 27.48 -0.47 9.90
CA GLU B 29 26.41 -1.35 10.40
C GLU B 29 25.43 -1.67 9.31
N VAL B 30 25.05 -0.65 8.55
CA VAL B 30 24.14 -0.87 7.42
C VAL B 30 24.81 -1.61 6.23
N ILE B 31 26.03 -1.19 5.86
CA ILE B 31 26.82 -1.90 4.85
C ILE B 31 27.00 -3.38 5.21
N ASN B 32 27.27 -3.67 6.47
CA ASN B 32 27.34 -5.05 6.88
C ASN B 32 26.01 -5.81 6.72
N GLU B 33 24.89 -5.11 6.98
CA GLU B 33 23.57 -5.71 6.85
C GLU B 33 23.29 -6.07 5.41
N LEU B 34 23.71 -5.19 4.52
CA LEU B 34 23.52 -5.42 3.12
C LEU B 34 24.33 -6.65 2.66
N PHE B 35 25.56 -6.75 3.12
CA PHE B 35 26.41 -7.86 2.73
C PHE B 35 25.82 -9.19 3.22
N VAL B 36 25.54 -9.26 4.52
CA VAL B 36 25.08 -10.51 5.12
C VAL B 36 23.68 -10.89 4.61
N THR B 37 22.82 -9.90 4.42
CA THR B 37 21.49 -10.22 3.82
C THR B 37 21.58 -10.60 2.34
N GLU B 38 22.67 -10.23 1.66
CA GLU B 38 22.87 -10.70 0.30
C GLU B 38 23.24 -12.17 0.24
N ALA B 39 24.07 -12.61 1.18
CA ALA B 39 24.34 -14.05 1.34
C ALA B 39 23.09 -14.86 1.79
N SER B 40 22.37 -14.38 2.78
CA SER B 40 21.12 -15.06 3.15
C SER B 40 20.25 -15.21 1.89
N HIS B 41 20.12 -14.14 1.12
CA HIS B 41 19.34 -14.23 -0.08
C HIS B 41 19.86 -15.31 -1.01
N LEU B 42 21.16 -15.26 -1.30
CA LEU B 42 21.83 -16.22 -2.17
C LEU B 42 21.57 -17.67 -1.81
N ARG B 43 21.74 -18.06 -0.53
CA ARG B 43 21.40 -19.44 -0.17
C ARG B 43 19.93 -19.80 -0.35
N THR B 44 19.02 -18.86 -0.10
CA THR B 44 17.61 -19.12 -0.36
C THR B 44 17.34 -19.51 -1.83
N LEU B 45 18.00 -18.82 -2.78
CA LEU B 45 17.95 -19.19 -4.22
C LEU B 45 18.57 -20.56 -4.48
N ARG B 46 19.61 -20.91 -3.74
CA ARG B 46 20.23 -22.22 -3.88
C ARG B 46 19.37 -23.33 -3.30
N VAL B 47 18.71 -23.06 -2.17
CA VAL B 47 17.71 -23.97 -1.57
C VAL B 47 16.58 -24.25 -2.61
N LEU B 48 16.02 -23.19 -3.20
CA LEU B 48 15.05 -23.38 -4.28
C LEU B 48 15.50 -24.38 -5.32
N ASP B 49 16.78 -24.31 -5.71
CA ASP B 49 17.30 -25.09 -6.82
C ASP B 49 17.50 -26.53 -6.38
N LEU B 50 18.15 -26.69 -5.25
CA LEU B 50 18.60 -27.99 -4.85
C LEU B 50 17.47 -28.91 -4.44
N ILE B 51 16.59 -28.36 -3.60
CA ILE B 51 15.54 -29.10 -2.91
C ILE B 51 14.22 -29.21 -3.66
N PHE B 52 13.87 -28.16 -4.42
CA PHE B 52 12.68 -28.16 -5.27
C PHE B 52 12.96 -28.43 -6.74
N TYR B 53 13.54 -27.46 -7.44
CA TYR B 53 13.67 -27.54 -8.90
C TYR B 53 14.28 -28.84 -9.38
N GLN B 54 15.45 -29.17 -8.85
CA GLN B 54 16.19 -30.33 -9.32
C GLN B 54 15.45 -31.63 -8.99
N ARG B 55 14.80 -31.69 -7.84
CA ARG B 55 14.02 -32.89 -7.50
C ARG B 55 12.70 -33.01 -8.27
N MET B 56 12.13 -31.88 -8.69
CA MET B 56 10.93 -31.94 -9.53
C MET B 56 11.30 -32.47 -10.90
N LYS B 57 12.39 -31.93 -11.44
CA LYS B 57 12.91 -32.31 -12.74
C LYS B 57 13.20 -33.79 -12.76
N LYS B 58 13.78 -34.31 -11.68
CA LYS B 58 14.26 -35.68 -11.62
C LYS B 58 13.13 -36.69 -11.47
N GLU B 59 12.23 -36.42 -10.53
CA GLU B 59 11.13 -37.33 -10.23
C GLU B 59 9.94 -37.16 -11.20
N ASN B 60 10.04 -36.18 -12.07
CA ASN B 60 9.00 -35.90 -13.06
C ASN B 60 7.64 -35.70 -12.44
N LEU B 61 7.56 -34.73 -11.54
CA LEU B 61 6.34 -34.41 -10.85
C LEU B 61 5.27 -33.90 -11.83
N MET B 62 5.71 -33.05 -12.77
CA MET B 62 4.82 -32.33 -13.67
C MET B 62 5.56 -32.16 -15.00
N PRO B 63 4.84 -31.94 -16.13
CA PRO B 63 5.51 -31.82 -17.44
C PRO B 63 6.51 -30.67 -17.50
N ARG B 64 7.53 -30.84 -18.34
CA ARG B 64 8.68 -29.92 -18.41
C ARG B 64 8.25 -28.45 -18.59
N GLU B 65 7.29 -28.23 -19.47
CA GLU B 65 6.92 -26.88 -19.84
C GLU B 65 6.22 -26.19 -18.68
N GLU B 66 5.54 -26.97 -17.83
CA GLU B 66 4.92 -26.46 -16.59
C GLU B 66 5.99 -26.11 -15.58
N LEU B 67 6.94 -27.02 -15.37
CA LEU B 67 8.13 -26.77 -14.54
C LEU B 67 8.89 -25.50 -14.92
N ALA B 68 8.90 -25.20 -16.22
CA ALA B 68 9.64 -24.05 -16.69
C ALA B 68 8.92 -22.76 -16.31
N ARG B 69 7.60 -22.79 -16.22
CA ARG B 69 6.90 -21.56 -15.85
C ARG B 69 7.09 -21.25 -14.35
N LEU B 70 7.21 -22.33 -13.56
CA LEU B 70 7.48 -22.22 -12.13
C LEU B 70 8.87 -21.64 -11.90
N PHE B 71 9.87 -22.23 -12.58
CA PHE B 71 11.27 -21.80 -12.47
C PHE B 71 11.86 -21.50 -13.87
N PRO B 72 11.57 -20.30 -14.40
CA PRO B 72 12.05 -19.99 -15.76
C PRO B 72 13.56 -19.93 -15.84
N ASN B 73 14.19 -19.10 -15.02
CA ASN B 73 15.61 -18.87 -15.22
C ASN B 73 16.39 -18.92 -13.92
N LEU B 74 16.37 -20.06 -13.26
CA LEU B 74 16.97 -20.13 -11.95
C LEU B 74 18.51 -20.04 -11.91
N PRO B 75 19.19 -20.86 -12.72
CA PRO B 75 20.65 -20.74 -12.63
C PRO B 75 21.15 -19.36 -13.03
N GLU B 76 20.44 -18.68 -13.94
CA GLU B 76 20.76 -17.28 -14.31
C GLU B 76 20.65 -16.37 -13.10
N LEU B 77 19.53 -16.48 -12.42
CA LEU B 77 19.26 -15.69 -11.22
C LEU B 77 20.36 -15.87 -10.16
N ILE B 78 20.69 -17.12 -9.88
CA ILE B 78 21.78 -17.45 -8.98
C ILE B 78 23.11 -16.84 -9.45
N GLU B 79 23.42 -17.00 -10.74
CA GLU B 79 24.66 -16.41 -11.28
C GLU B 79 24.74 -14.91 -10.98
N ILE B 80 23.61 -14.24 -11.10
CA ILE B 80 23.57 -12.83 -10.85
C ILE B 80 23.97 -12.44 -9.43
N HIS B 81 23.35 -13.07 -8.44
CA HIS B 81 23.60 -12.73 -7.05
C HIS B 81 24.92 -13.34 -6.56
N ASN B 82 25.28 -14.51 -7.10
CA ASN B 82 26.59 -15.07 -6.84
C ASN B 82 27.74 -14.16 -7.32
N SER B 83 27.58 -13.51 -8.47
CA SER B 83 28.62 -12.63 -8.97
C SER B 83 28.77 -11.45 -8.03
N TRP B 84 27.66 -10.96 -7.51
CA TRP B 84 27.70 -9.79 -6.67
C TRP B 84 28.25 -10.06 -5.28
N CYS B 85 28.06 -11.28 -4.77
CA CYS B 85 28.60 -11.65 -3.44
C CYS B 85 30.09 -11.69 -3.51
N GLU B 86 30.58 -12.18 -4.64
CA GLU B 86 31.99 -12.32 -4.88
C GLU B 86 32.57 -10.92 -4.94
N ALA B 87 31.92 -10.07 -5.74
CA ALA B 87 32.25 -8.65 -5.77
C ALA B 87 32.31 -8.10 -4.36
N MET B 88 31.41 -8.56 -3.49
CA MET B 88 31.33 -8.09 -2.11
C MET B 88 32.47 -8.64 -1.29
N LYS B 89 32.66 -9.95 -1.33
CA LYS B 89 33.72 -10.57 -0.52
C LYS B 89 35.10 -9.91 -0.79
N LYS B 90 35.30 -9.51 -2.05
CA LYS B 90 36.49 -8.83 -2.46
C LYS B 90 36.72 -7.50 -1.78
N LEU B 91 35.71 -6.65 -1.74
CA LEU B 91 35.82 -5.42 -0.99
C LEU B 91 36.26 -5.66 0.48
N ARG B 92 35.86 -6.80 1.04
CA ARG B 92 36.22 -7.09 2.42
C ARG B 92 37.68 -7.51 2.56
N GLU B 93 38.15 -8.26 1.57
CA GLU B 93 39.56 -8.68 1.52
C GLU B 93 40.53 -7.54 1.84
N GLU B 94 40.27 -6.35 1.32
CA GLU B 94 41.06 -5.17 1.65
C GLU B 94 40.69 -4.47 2.98
N GLY B 95 40.26 -5.25 3.97
CA GLY B 95 39.97 -4.73 5.31
C GLY B 95 38.54 -4.89 5.82
N PRO B 96 38.38 -4.99 7.16
CA PRO B 96 37.07 -5.08 7.85
C PRO B 96 36.21 -3.82 7.70
N ILE B 97 36.84 -2.65 7.64
CA ILE B 97 36.15 -1.40 7.30
C ILE B 97 36.10 -1.25 5.78
N ILE B 98 34.89 -0.97 5.28
CA ILE B 98 34.63 -0.80 3.86
C ILE B 98 34.60 0.70 3.56
N LYS B 99 35.34 1.13 2.53
CA LYS B 99 35.44 2.55 2.21
C LYS B 99 34.33 2.97 1.26
N GLU B 100 34.65 3.57 0.12
CA GLU B 100 33.63 3.83 -0.89
C GLU B 100 32.94 2.51 -1.30
N ILE B 101 31.66 2.60 -1.67
CA ILE B 101 30.84 1.42 -1.98
C ILE B 101 29.95 1.67 -3.21
N SER B 102 29.94 2.93 -3.66
CA SER B 102 29.24 3.37 -4.85
C SER B 102 29.53 2.53 -6.07
N ASP B 103 30.81 2.22 -6.30
CA ASP B 103 31.18 1.43 -7.46
C ASP B 103 30.52 0.07 -7.44
N LEU B 104 30.58 -0.59 -6.26
CA LEU B 104 29.93 -1.90 -6.06
C LEU B 104 28.44 -1.88 -6.36
N MET B 105 27.76 -0.83 -5.96
CA MET B 105 26.34 -0.70 -6.23
C MET B 105 26.10 -0.59 -7.74
N LEU B 106 26.75 0.38 -8.37
CA LEU B 106 26.59 0.57 -9.80
C LEU B 106 26.95 -0.68 -10.58
N ALA B 107 27.74 -1.55 -9.97
CA ALA B 107 28.13 -2.84 -10.58
C ALA B 107 26.93 -3.77 -10.74
N ARG B 108 25.86 -3.46 -10.01
CA ARG B 108 24.69 -4.31 -10.02
C ARG B 108 23.48 -3.58 -10.57
N PHE B 109 23.36 -2.29 -10.22
CA PHE B 109 22.14 -1.52 -10.45
C PHE B 109 22.24 -0.44 -11.55
N ASP B 110 23.34 -0.41 -12.32
CA ASP B 110 23.53 0.65 -13.33
C ASP B 110 23.80 0.16 -14.76
N GLY B 111 23.23 0.84 -15.76
CA GLY B 111 23.51 0.51 -17.15
C GLY B 111 23.28 -0.95 -17.55
N PRO B 112 24.33 -1.66 -18.01
CA PRO B 112 24.22 -3.05 -18.50
C PRO B 112 23.82 -4.06 -17.44
N ALA B 113 24.28 -3.83 -16.21
CA ALA B 113 23.95 -4.68 -15.06
C ALA B 113 22.51 -4.49 -14.67
N ARG B 114 22.01 -3.25 -14.75
CA ARG B 114 20.58 -2.97 -14.55
C ARG B 114 19.66 -3.73 -15.51
N GLU B 115 19.99 -3.68 -16.80
CA GLU B 115 19.22 -4.41 -17.79
C GLU B 115 19.21 -5.92 -17.46
N GLU B 116 20.38 -6.47 -17.15
CA GLU B 116 20.53 -7.90 -16.82
C GLU B 116 19.59 -8.28 -15.67
N LEU B 117 19.59 -7.47 -14.62
CA LEU B 117 18.87 -7.81 -13.43
C LEU B 117 17.38 -7.76 -13.69
N GLN B 118 16.89 -6.58 -14.09
CA GLN B 118 15.46 -6.37 -14.22
C GLN B 118 14.85 -7.28 -15.29
N GLN B 119 15.66 -7.67 -16.28
CA GLN B 119 15.19 -8.59 -17.31
C GLN B 119 15.00 -9.98 -16.70
N VAL B 120 16.05 -10.48 -16.07
CA VAL B 120 16.06 -11.81 -15.49
C VAL B 120 15.08 -11.92 -14.33
N ALA B 121 15.06 -10.91 -13.46
CA ALA B 121 14.09 -10.88 -12.37
C ALA B 121 12.66 -10.83 -12.86
N ALA B 122 12.41 -10.02 -13.90
CA ALA B 122 11.09 -9.89 -14.50
C ALA B 122 10.56 -11.21 -15.01
N GLN B 123 11.42 -11.95 -15.70
CA GLN B 123 11.04 -13.23 -16.25
C GLN B 123 10.71 -14.19 -15.10
N PHE B 124 11.53 -14.17 -14.04
CA PHE B 124 11.32 -15.04 -12.87
C PHE B 124 10.05 -14.73 -12.07
N CYS B 125 9.72 -13.46 -11.92
CA CYS B 125 8.62 -13.04 -11.08
C CYS B 125 7.27 -12.94 -11.79
N SER B 126 7.28 -12.87 -13.12
CA SER B 126 6.09 -12.58 -13.92
C SER B 126 4.96 -13.53 -13.71
N TYR B 127 5.19 -14.78 -14.06
CA TYR B 127 4.19 -15.81 -13.97
C TYR B 127 3.98 -16.37 -12.53
N GLN B 128 4.92 -16.05 -11.61
CA GLN B 128 5.01 -16.68 -10.29
C GLN B 128 3.66 -16.87 -9.50
N SER B 129 2.84 -15.81 -9.40
CA SER B 129 1.55 -15.91 -8.67
C SER B 129 0.62 -16.94 -9.32
N ILE B 130 0.65 -17.04 -10.65
CA ILE B 130 -0.17 -18.06 -11.34
C ILE B 130 0.38 -19.46 -11.06
N ALA B 131 1.71 -19.60 -11.17
CA ALA B 131 2.35 -20.92 -11.00
C ALA B 131 2.20 -21.43 -9.57
N LEU B 132 2.24 -20.52 -8.61
CA LEU B 132 2.01 -20.88 -7.21
C LEU B 132 0.56 -21.35 -6.94
N GLU B 133 -0.41 -20.71 -7.60
CA GLU B 133 -1.81 -21.08 -7.46
C GLU B 133 -2.06 -22.39 -8.17
N LEU B 134 -1.29 -22.68 -9.21
CA LEU B 134 -1.43 -23.93 -9.92
C LEU B 134 -0.94 -25.08 -9.04
N ILE B 135 0.26 -24.92 -8.50
CA ILE B 135 0.84 -25.88 -7.59
C ILE B 135 0.02 -26.04 -6.28
N LYS B 136 -0.50 -24.94 -5.76
CA LYS B 136 -1.35 -25.01 -4.57
C LYS B 136 -2.60 -25.86 -4.80
N THR B 137 -3.28 -25.63 -5.93
CA THR B 137 -4.38 -26.47 -6.36
C THR B 137 -3.95 -27.92 -6.51
N LYS B 138 -2.84 -28.15 -7.21
CA LYS B 138 -2.38 -29.51 -7.45
C LYS B 138 -2.09 -30.23 -6.13
N GLN B 139 -1.67 -29.49 -5.11
CA GLN B 139 -1.47 -30.03 -3.77
C GLN B 139 -2.75 -30.56 -3.12
N ARG B 140 -3.85 -29.81 -3.19
CA ARG B 140 -5.12 -30.28 -2.64
C ARG B 140 -5.63 -31.54 -3.29
N LYS B 141 -5.62 -31.58 -4.63
CA LYS B 141 -6.22 -32.69 -5.35
C LYS B 141 -5.34 -33.94 -5.31
N GLU B 142 -4.09 -33.80 -5.70
CA GLU B 142 -3.26 -34.94 -5.97
C GLU B 142 -2.41 -35.27 -4.76
N SER B 143 -2.48 -36.51 -4.33
CA SER B 143 -1.64 -37.01 -3.24
C SER B 143 -0.18 -37.04 -3.69
N ARG B 144 0.04 -37.19 -4.99
CA ARG B 144 1.36 -37.25 -5.60
C ARG B 144 2.14 -35.95 -5.32
N PHE B 145 1.47 -34.83 -5.56
CA PHE B 145 2.06 -33.53 -5.32
C PHE B 145 2.16 -33.24 -3.85
N GLN B 146 1.16 -33.70 -3.11
CA GLN B 146 1.11 -33.52 -1.67
C GLN B 146 2.29 -34.23 -1.03
N LEU B 147 2.45 -35.50 -1.36
CA LEU B 147 3.54 -36.28 -0.85
C LEU B 147 4.90 -35.62 -1.11
N PHE B 148 5.11 -35.18 -2.34
CA PHE B 148 6.34 -34.52 -2.74
C PHE B 148 6.61 -33.24 -1.94
N MET B 149 5.69 -32.30 -1.90
CA MET B 149 5.89 -31.06 -1.14
C MET B 149 6.08 -31.25 0.37
N GLN B 150 5.46 -32.30 0.91
CA GLN B 150 5.64 -32.72 2.28
C GLN B 150 7.09 -33.12 2.53
N GLU B 151 7.65 -33.96 1.66
CA GLU B 151 9.03 -34.38 1.77
C GLU B 151 9.95 -33.19 1.56
N ALA B 152 9.66 -32.36 0.57
CA ALA B 152 10.55 -31.27 0.19
C ALA B 152 10.58 -30.20 1.24
N GLU B 153 9.41 -29.85 1.77
CA GLU B 153 9.35 -28.75 2.73
C GLU B 153 9.83 -29.16 4.13
N SER B 154 9.90 -30.47 4.40
CA SER B 154 10.47 -30.94 5.68
C SER B 154 12.00 -30.94 5.69
N HIS B 155 12.62 -30.91 4.52
CA HIS B 155 14.05 -30.85 4.47
C HIS B 155 14.56 -29.64 5.25
N PRO B 156 15.61 -29.85 6.05
CA PRO B 156 16.11 -28.88 7.01
C PRO B 156 16.56 -27.61 6.35
N GLN B 157 17.10 -27.74 5.16
CA GLN B 157 17.64 -26.59 4.48
C GLN B 157 16.57 -25.50 4.19
N CYS B 158 15.31 -25.93 4.09
CA CYS B 158 14.12 -25.04 4.04
C CYS B 158 13.82 -24.33 5.34
N ARG B 159 14.27 -24.92 6.45
CA ARG B 159 14.15 -24.33 7.77
C ARG B 159 12.69 -24.05 8.09
N ARG B 160 11.89 -25.09 7.82
CA ARG B 160 10.43 -25.15 8.07
C ARG B 160 9.68 -24.01 7.37
N LEU B 161 10.01 -23.75 6.12
CA LEU B 161 9.31 -22.75 5.33
C LEU B 161 8.75 -23.45 4.15
N GLN B 162 7.58 -23.01 3.68
CA GLN B 162 6.97 -23.58 2.47
C GLN B 162 7.53 -22.96 1.20
N LEU B 163 7.23 -23.56 0.04
CA LEU B 163 7.74 -23.04 -1.23
C LEU B 163 7.42 -21.56 -1.42
N ARG B 164 6.14 -21.19 -1.24
CA ARG B 164 5.71 -19.81 -1.44
C ARG B 164 6.46 -18.79 -0.64
N ASP B 165 6.92 -19.17 0.55
CA ASP B 165 7.76 -18.33 1.41
C ASP B 165 9.15 -18.14 0.76
N LEU B 166 9.67 -19.19 0.14
CA LEU B 166 11.02 -19.10 -0.37
C LEU B 166 11.05 -18.45 -1.74
N ILE B 167 10.08 -18.78 -2.58
CA ILE B 167 10.06 -18.29 -3.93
C ILE B 167 9.75 -16.77 -4.06
N ILE B 168 9.07 -16.19 -3.06
CA ILE B 168 8.76 -14.74 -3.08
C ILE B 168 9.98 -13.85 -2.74
N SER B 169 11.12 -14.52 -2.51
CA SER B 169 12.38 -13.92 -2.03
C SER B 169 12.98 -12.87 -2.91
N GLU B 170 13.00 -13.14 -4.21
CA GLU B 170 13.50 -12.17 -5.15
C GLU B 170 12.72 -10.86 -5.10
N MET B 171 11.39 -10.93 -5.21
CA MET B 171 10.53 -9.77 -4.97
C MET B 171 10.87 -9.03 -3.68
N GLN B 172 10.83 -9.77 -2.57
CA GLN B 172 11.15 -9.16 -1.29
C GLN B 172 12.49 -8.46 -1.30
N ARG B 173 13.45 -9.05 -2.03
CA ARG B 173 14.78 -8.53 -2.08
C ARG B 173 14.80 -7.24 -2.92
N LEU B 174 14.12 -7.26 -4.06
CA LEU B 174 14.15 -6.09 -4.96
C LEU B 174 13.59 -4.88 -4.26
N THR B 175 12.60 -5.13 -3.41
CA THR B 175 11.90 -4.07 -2.72
C THR B 175 12.66 -3.64 -1.46
N LYS B 176 13.56 -4.48 -0.96
CA LYS B 176 14.40 -4.12 0.18
C LYS B 176 15.61 -3.25 -0.22
N TYR B 177 16.20 -3.48 -1.40
CA TYR B 177 17.33 -2.63 -1.85
C TYR B 177 17.15 -1.10 -1.67
N PRO B 178 16.04 -0.53 -2.17
CA PRO B 178 15.90 0.93 -2.05
C PRO B 178 15.93 1.41 -0.61
N LEU B 179 15.40 0.58 0.28
CA LEU B 179 15.41 0.92 1.69
C LEU B 179 16.81 0.80 2.25
N LEU B 180 17.56 -0.19 1.79
CA LEU B 180 18.93 -0.41 2.27
C LEU B 180 19.85 0.72 1.86
N LEU B 181 19.76 1.11 0.59
CA LEU B 181 20.55 2.21 0.08
C LEU B 181 20.22 3.52 0.78
N GLU B 182 18.93 3.77 0.99
CA GLU B 182 18.49 4.99 1.67
C GLU B 182 19.24 5.12 3.00
N SER B 183 19.37 4.00 3.69
CA SER B 183 19.98 4.01 4.99
C SER B 183 21.46 4.34 4.88
N ILE B 184 22.12 3.80 3.84
CA ILE B 184 23.55 4.04 3.64
C ILE B 184 23.79 5.51 3.31
N ILE B 185 22.88 6.08 2.52
CA ILE B 185 22.93 7.49 2.17
C ILE B 185 22.79 8.35 3.42
N LYS B 186 21.88 7.94 4.29
CA LYS B 186 21.56 8.68 5.51
C LYS B 186 22.82 8.89 6.36
N HIS B 187 23.77 7.97 6.22
CA HIS B 187 25.03 8.07 6.97
C HIS B 187 26.26 8.39 6.10
N THR B 188 26.04 9.05 4.96
CA THR B 188 27.14 9.39 4.06
C THR B 188 27.41 10.91 3.99
N GLU B 189 28.69 11.27 3.86
CA GLU B 189 29.12 12.67 3.74
C GLU B 189 28.43 13.44 2.60
N GLY B 190 27.61 14.42 2.98
CA GLY B 190 26.83 15.25 2.05
C GLY B 190 27.66 15.95 0.99
N GLY B 191 27.17 15.89 -0.25
CA GLY B 191 27.86 16.54 -1.36
C GLY B 191 29.06 15.83 -1.96
N THR B 192 29.50 14.71 -1.38
CA THR B 192 30.60 13.92 -1.95
C THR B 192 30.18 13.15 -3.22
N SER B 193 31.16 12.79 -4.04
CA SER B 193 30.95 11.97 -5.24
C SER B 193 30.25 10.66 -4.84
N GLU B 194 30.72 10.07 -3.75
CA GLU B 194 30.09 8.90 -3.12
C GLU B 194 28.61 9.15 -2.85
N HIS B 195 28.27 10.32 -2.30
CA HIS B 195 26.88 10.66 -1.96
C HIS B 195 25.98 10.70 -3.19
N GLU B 196 26.44 11.44 -4.20
CA GLU B 196 25.67 11.63 -5.42
C GLU B 196 25.43 10.33 -6.19
N LYS B 197 26.50 9.55 -6.39
CA LYS B 197 26.45 8.27 -7.09
C LYS B 197 25.51 7.27 -6.42
N LEU B 198 25.52 7.27 -5.09
CA LEU B 198 24.63 6.40 -4.34
C LEU B 198 23.19 6.77 -4.62
N CYS B 199 22.89 8.06 -4.63
CA CYS B 199 21.55 8.51 -4.96
C CYS B 199 21.10 7.97 -6.32
N ARG B 200 21.97 8.07 -7.35
CA ARG B 200 21.73 7.45 -8.66
C ARG B 200 21.39 5.97 -8.46
N ALA B 201 22.32 5.22 -7.88
CA ALA B 201 22.14 3.80 -7.63
C ALA B 201 20.78 3.47 -6.98
N ARG B 202 20.33 4.32 -6.07
CA ARG B 202 19.09 4.10 -5.34
C ARG B 202 17.94 4.31 -6.29
N ASP B 203 18.03 5.41 -7.04
CA ASP B 203 16.97 5.79 -7.96
C ASP B 203 16.77 4.71 -9.02
N GLN B 204 17.88 4.21 -9.58
CA GLN B 204 17.84 3.04 -10.46
C GLN B 204 17.19 1.80 -9.80
N CYS B 205 17.37 1.61 -8.50
CA CYS B 205 16.68 0.51 -7.81
C CYS B 205 15.13 0.64 -7.83
N ARG B 206 14.61 1.81 -7.47
CA ARG B 206 13.17 2.10 -7.59
C ARG B 206 12.68 1.93 -9.01
N GLU B 207 13.60 2.13 -9.96
CA GLU B 207 13.28 2.08 -11.37
C GLU B 207 13.28 0.61 -11.79
N ILE B 208 14.07 -0.21 -11.10
CA ILE B 208 14.09 -1.62 -11.43
C ILE B 208 12.84 -2.28 -10.87
N LEU B 209 12.43 -1.81 -9.69
CA LEU B 209 11.26 -2.33 -9.00
C LEU B 209 10.01 -2.16 -9.84
N LYS B 210 9.81 -0.96 -10.38
CA LYS B 210 8.63 -0.67 -11.20
C LYS B 210 8.64 -1.48 -12.46
N TYR B 211 9.82 -1.69 -13.02
CA TYR B 211 9.92 -2.51 -14.21
C TYR B 211 9.43 -3.93 -13.93
N VAL B 212 9.81 -4.48 -12.78
CA VAL B 212 9.45 -5.85 -12.45
C VAL B 212 7.98 -5.93 -12.05
N ASN B 213 7.55 -4.94 -11.27
CA ASN B 213 6.15 -4.77 -10.95
C ASN B 213 5.26 -4.70 -12.16
N GLU B 214 5.69 -3.94 -13.16
CA GLU B 214 4.89 -3.75 -14.36
C GLU B 214 4.83 -5.06 -15.13
N ALA B 215 5.92 -5.80 -15.11
CA ALA B 215 5.99 -7.05 -15.81
C ALA B 215 4.98 -8.04 -15.27
N VAL B 216 4.91 -8.12 -13.93
CA VAL B 216 3.97 -9.00 -13.24
C VAL B 216 2.52 -8.61 -13.51
N LYS B 217 2.25 -7.31 -13.43
CA LYS B 217 0.92 -6.80 -13.68
C LYS B 217 0.49 -7.14 -15.11
N GLN B 218 1.38 -6.95 -16.06
CA GLN B 218 1.03 -7.28 -17.41
C GLN B 218 0.77 -8.75 -17.57
N THR B 219 1.64 -9.59 -17.02
CA THR B 219 1.51 -11.04 -17.25
C THR B 219 0.23 -11.57 -16.66
N GLU B 220 -0.16 -10.99 -15.52
CA GLU B 220 -1.35 -11.44 -14.79
C GLU B 220 -2.60 -10.98 -15.50
N ASN B 221 -2.54 -9.77 -16.05
CA ASN B 221 -3.62 -9.31 -16.89
C ASN B 221 -3.76 -10.16 -18.15
N ARG B 222 -2.65 -10.63 -18.72
CA ARG B 222 -2.71 -11.48 -19.91
C ARG B 222 -3.31 -12.84 -19.62
N HIS B 223 -3.13 -13.29 -18.38
CA HIS B 223 -3.68 -14.55 -17.89
C HIS B 223 -5.18 -14.42 -17.57
N ARG B 224 -5.58 -13.26 -17.07
CA ARG B 224 -6.99 -12.94 -16.89
C ARG B 224 -7.79 -13.01 -18.20
N LEU B 225 -7.29 -12.39 -19.28
CA LEU B 225 -8.00 -12.37 -20.57
C LEU B 225 -8.18 -13.76 -21.15
N GLU B 226 -7.21 -14.63 -20.92
CA GLU B 226 -7.32 -16.01 -21.42
C GLU B 226 -8.50 -16.68 -20.70
N GLY B 227 -8.58 -16.41 -19.40
CA GLY B 227 -9.61 -16.96 -18.54
C GLY B 227 -10.97 -16.41 -18.89
N TYR B 228 -10.99 -15.14 -19.29
CA TYR B 228 -12.24 -14.55 -19.75
C TYR B 228 -12.61 -15.05 -21.13
N GLN B 229 -11.61 -15.48 -21.89
CA GLN B 229 -11.87 -15.93 -23.25
C GLN B 229 -12.67 -17.22 -23.25
N LYS B 230 -12.30 -18.17 -22.40
CA LYS B 230 -12.98 -19.46 -22.39
C LYS B 230 -14.37 -19.39 -21.74
N ARG B 231 -14.61 -18.33 -20.96
CA ARG B 231 -15.90 -18.05 -20.35
C ARG B 231 -16.80 -17.25 -21.31
N LEU B 232 -16.18 -16.57 -22.27
CA LEU B 232 -16.88 -15.61 -23.13
C LEU B 232 -17.88 -16.27 -24.03
N ASP B 233 -19.06 -15.69 -24.10
CA ASP B 233 -20.14 -16.14 -24.99
C ASP B 233 -20.69 -14.99 -25.83
N ALA B 234 -20.52 -15.11 -27.13
CA ALA B 234 -20.93 -14.04 -28.02
C ALA B 234 -21.94 -14.49 -29.10
N THR B 235 -22.69 -15.56 -28.79
CA THR B 235 -23.66 -16.12 -29.73
C THR B 235 -24.81 -15.16 -30.04
N ALA B 236 -25.06 -14.21 -29.13
CA ALA B 236 -26.09 -13.18 -29.35
C ALA B 236 -25.69 -12.18 -30.44
N LEU B 237 -24.40 -12.15 -30.76
CA LEU B 237 -23.86 -11.22 -31.74
C LEU B 237 -23.87 -11.80 -33.15
N GLU B 238 -24.27 -13.07 -33.28
CA GLU B 238 -24.45 -13.70 -34.59
C GLU B 238 -25.71 -13.19 -35.31
N ARG B 239 -26.65 -12.57 -34.57
CA ARG B 239 -27.92 -12.04 -35.13
C ARG B 239 -27.73 -10.67 -35.77
N ALA B 240 -26.73 -9.92 -35.30
CA ALA B 240 -26.46 -8.56 -35.77
C ALA B 240 -27.65 -7.66 -35.47
N SER B 241 -28.09 -6.96 -36.53
CA SER B 241 -29.06 -5.85 -36.49
C SER B 241 -28.27 -4.53 -36.65
N ASN B 242 -27.47 -4.14 -35.64
CA ASN B 242 -26.64 -2.92 -35.79
C ASN B 242 -25.14 -3.20 -36.00
N PRO B 243 -24.59 -2.65 -37.09
CA PRO B 243 -23.29 -3.02 -37.68
C PRO B 243 -22.07 -2.64 -36.84
N LEU B 244 -22.24 -1.66 -35.95
CA LEU B 244 -21.20 -1.27 -34.99
C LEU B 244 -20.89 -2.40 -33.99
N ALA B 245 -21.83 -3.33 -33.84
CA ALA B 245 -21.73 -4.47 -32.92
C ALA B 245 -21.53 -5.79 -33.65
N ALA B 246 -21.92 -5.84 -34.91
CA ALA B 246 -21.89 -7.08 -35.67
C ALA B 246 -20.47 -7.55 -35.96
N GLU B 247 -19.54 -6.59 -36.02
CA GLU B 247 -18.15 -6.87 -36.39
C GLU B 247 -17.37 -7.56 -35.27
N PHE B 248 -18.01 -7.71 -34.12
CA PHE B 248 -17.36 -8.32 -32.98
C PHE B 248 -17.93 -9.69 -32.67
N LYS B 249 -18.54 -10.31 -33.69
CA LYS B 249 -19.12 -11.65 -33.58
C LYS B 249 -18.14 -12.70 -33.08
N SER B 250 -16.84 -12.42 -33.27
CA SER B 250 -15.75 -13.30 -32.81
C SER B 250 -14.57 -12.49 -32.16
N LEU B 251 -14.80 -11.99 -30.95
CA LEU B 251 -13.95 -10.95 -30.37
C LEU B 251 -12.47 -11.29 -30.16
N ASP B 252 -12.20 -12.34 -29.37
CA ASP B 252 -10.84 -12.69 -28.90
C ASP B 252 -10.12 -11.52 -28.20
N LEU B 253 -10.18 -11.55 -26.88
CA LEU B 253 -9.60 -10.49 -26.10
C LEU B 253 -8.08 -10.68 -26.02
N THR B 254 -7.65 -11.89 -26.37
CA THR B 254 -6.24 -12.29 -26.40
C THR B 254 -5.35 -11.35 -27.22
N THR B 255 -5.91 -10.72 -28.24
CA THR B 255 -5.09 -9.92 -29.12
C THR B 255 -4.90 -8.47 -28.65
N ARG B 256 -5.27 -8.16 -27.42
CA ARG B 256 -5.11 -6.82 -26.85
C ARG B 256 -4.52 -6.88 -25.43
N LYS B 257 -4.10 -5.72 -24.93
CA LYS B 257 -3.66 -5.61 -23.55
C LYS B 257 -4.73 -4.89 -22.72
N MET B 258 -5.00 -5.38 -21.50
CA MET B 258 -6.03 -4.83 -20.62
C MET B 258 -5.51 -3.69 -19.74
N ILE B 259 -6.23 -2.58 -19.69
CA ILE B 259 -5.81 -1.43 -18.87
C ILE B 259 -6.48 -1.49 -17.48
N HIS B 260 -7.79 -1.63 -17.48
CA HIS B 260 -8.53 -1.64 -16.24
C HIS B 260 -9.71 -2.57 -16.37
N GLU B 261 -10.26 -3.01 -15.24
CA GLU B 261 -11.48 -3.83 -15.21
C GLU B 261 -12.28 -3.59 -13.95
N GLY B 262 -13.55 -3.94 -13.92
CA GLY B 262 -14.32 -3.62 -12.74
C GLY B 262 -15.81 -3.62 -12.93
N PRO B 263 -16.55 -3.71 -11.82
CA PRO B 263 -18.01 -3.78 -11.98
C PRO B 263 -18.57 -2.38 -12.06
N LEU B 264 -19.43 -2.18 -13.05
CA LEU B 264 -20.11 -0.92 -13.21
C LEU B 264 -21.62 -1.12 -13.41
N THR B 265 -22.39 -0.16 -12.93
CA THR B 265 -23.82 -0.21 -13.10
C THR B 265 -24.11 0.61 -14.32
N TRP B 266 -24.97 0.08 -15.17
CA TRP B 266 -25.39 0.76 -16.39
C TRP B 266 -26.84 1.33 -16.41
N ARG B 267 -26.92 2.66 -16.39
CA ARG B 267 -28.17 3.40 -16.37
C ARG B 267 -28.75 3.49 -17.79
N ILE B 268 -29.17 2.34 -18.32
CA ILE B 268 -29.59 2.16 -19.70
C ILE B 268 -30.83 2.99 -20.10
N SER B 269 -31.84 3.06 -19.23
CA SER B 269 -32.95 3.97 -19.45
C SER B 269 -33.35 4.68 -18.16
N LYS B 270 -34.51 5.33 -18.20
CA LYS B 270 -35.14 5.81 -16.99
C LYS B 270 -35.58 4.61 -16.16
N ASP B 271 -35.30 4.68 -14.86
CA ASP B 271 -35.76 3.69 -13.88
C ASP B 271 -35.40 2.24 -14.22
N LYS B 272 -34.55 2.03 -15.23
CA LYS B 272 -34.06 0.69 -15.56
C LYS B 272 -32.51 0.65 -15.67
N THR B 273 -31.89 -0.32 -14.98
CA THR B 273 -30.44 -0.44 -14.90
C THR B 273 -30.00 -1.88 -15.14
N LEU B 274 -28.68 -2.07 -15.32
CA LEU B 274 -28.07 -3.40 -15.51
C LEU B 274 -26.66 -3.49 -14.93
N ASP B 275 -26.35 -4.64 -14.33
CA ASP B 275 -25.08 -4.79 -13.67
C ASP B 275 -24.02 -5.38 -14.59
N LEU B 276 -22.90 -4.67 -14.74
CA LEU B 276 -21.93 -5.03 -15.75
C LEU B 276 -20.54 -5.24 -15.18
N HIS B 277 -19.82 -6.19 -15.77
CA HIS B 277 -18.38 -6.22 -15.61
C HIS B 277 -17.73 -5.63 -16.87
N VAL B 278 -17.14 -4.43 -16.75
CA VAL B 278 -16.57 -3.79 -17.91
C VAL B 278 -15.04 -3.84 -17.99
N LEU B 279 -14.52 -4.27 -19.14
CA LEU B 279 -13.06 -4.31 -19.44
C LEU B 279 -12.60 -3.11 -20.26
N LEU B 280 -11.60 -2.37 -19.78
CA LEU B 280 -10.93 -1.37 -20.63
C LEU B 280 -9.75 -2.03 -21.35
N LEU B 281 -9.73 -1.95 -22.68
CA LEU B 281 -8.57 -2.46 -23.43
C LEU B 281 -7.80 -1.33 -24.09
N GLU B 282 -6.72 -1.66 -24.80
CA GLU B 282 -5.93 -0.64 -25.51
C GLU B 282 -6.79 0.17 -26.46
N ASP B 283 -7.68 -0.54 -27.18
CA ASP B 283 -8.45 -0.01 -28.30
C ASP B 283 -9.98 -0.14 -28.13
N LEU B 284 -10.44 -0.94 -27.16
CA LEU B 284 -11.88 -1.21 -27.01
C LEU B 284 -12.33 -1.03 -25.58
N LEU B 285 -13.60 -0.75 -25.41
CA LEU B 285 -14.26 -0.83 -24.12
C LEU B 285 -15.36 -1.87 -24.27
N VAL B 286 -15.31 -2.92 -23.46
CA VAL B 286 -16.26 -4.01 -23.63
C VAL B 286 -17.14 -4.17 -22.39
N LEU B 287 -18.45 -4.08 -22.61
CA LEU B 287 -19.43 -4.20 -21.55
C LEU B 287 -19.98 -5.62 -21.45
N LEU B 288 -19.64 -6.31 -20.36
CA LEU B 288 -19.99 -7.73 -20.22
C LEU B 288 -21.10 -7.94 -19.18
N GLN B 289 -21.95 -8.93 -19.39
CA GLN B 289 -22.94 -9.36 -18.41
C GLN B 289 -22.56 -10.76 -17.91
N LYS B 290 -22.57 -10.95 -16.60
CA LYS B 290 -22.42 -12.30 -16.06
C LYS B 290 -23.78 -13.03 -16.01
N GLN B 291 -23.81 -14.27 -16.51
CA GLN B 291 -24.98 -15.13 -16.35
C GLN B 291 -24.68 -16.00 -15.13
N ASP B 292 -23.75 -16.94 -15.25
CA ASP B 292 -23.42 -17.72 -14.08
C ASP B 292 -21.94 -17.72 -13.96
N GLU B 293 -21.31 -18.66 -14.66
CA GLU B 293 -19.85 -18.68 -14.88
C GLU B 293 -19.56 -18.38 -16.37
N LYS B 294 -20.37 -17.48 -16.94
CA LYS B 294 -20.25 -17.10 -18.33
C LYS B 294 -20.22 -15.58 -18.45
N LEU B 295 -19.56 -15.09 -19.50
CA LEU B 295 -19.51 -13.66 -19.78
C LEU B 295 -20.20 -13.41 -21.11
N LEU B 296 -21.21 -12.54 -21.11
CA LEU B 296 -22.06 -12.44 -22.28
C LEU B 296 -21.88 -11.13 -23.00
N LEU B 297 -21.58 -11.24 -24.29
CA LEU B 297 -21.73 -10.14 -25.21
C LEU B 297 -23.14 -10.26 -25.73
N LYS B 298 -23.92 -9.19 -25.54
CA LYS B 298 -25.34 -9.13 -25.88
C LYS B 298 -25.63 -7.70 -26.35
N CYS B 299 -26.58 -7.55 -27.27
CA CYS B 299 -27.06 -6.21 -27.60
C CYS B 299 -28.29 -5.99 -26.78
N HIS B 300 -28.42 -4.79 -26.24
CA HIS B 300 -29.52 -4.48 -25.36
C HIS B 300 -30.37 -3.40 -26.02
N SER B 301 -31.71 -3.50 -25.87
CA SER B 301 -32.63 -2.64 -26.62
C SER B 301 -32.81 -1.25 -25.98
N LYS B 302 -33.77 -1.10 -25.07
CA LYS B 302 -34.07 0.18 -24.44
C LYS B 302 -34.78 -0.06 -23.12
N THR B 313 -31.16 -0.93 -30.45
CA THR B 313 -30.16 -1.71 -29.67
C THR B 313 -28.83 -0.99 -29.42
N PHE B 314 -28.32 -1.13 -28.20
CA PHE B 314 -26.95 -0.71 -27.85
C PHE B 314 -25.89 -1.79 -28.06
N SER B 315 -24.75 -1.37 -28.63
CA SER B 315 -23.59 -2.24 -28.78
C SER B 315 -22.88 -2.50 -27.45
N PRO B 316 -22.48 -3.76 -27.18
CA PRO B 316 -21.68 -4.13 -25.99
C PRO B 316 -20.23 -3.76 -26.11
N VAL B 317 -19.73 -3.59 -27.33
CA VAL B 317 -18.34 -3.18 -27.57
C VAL B 317 -18.28 -1.78 -28.18
N LEU B 318 -17.34 -0.96 -27.74
CA LEU B 318 -17.17 0.40 -28.25
C LEU B 318 -15.72 0.63 -28.54
N LYS B 319 -15.41 1.14 -29.73
CA LYS B 319 -14.06 1.46 -30.11
C LYS B 319 -13.67 2.78 -29.48
N LEU B 320 -12.48 2.82 -28.90
CA LEU B 320 -12.01 3.98 -28.19
C LEU B 320 -11.66 5.14 -29.11
N ASN B 321 -11.40 4.85 -30.38
CA ASN B 321 -11.12 5.93 -31.33
C ASN B 321 -12.39 6.60 -31.81
N ALA B 322 -13.52 6.15 -31.26
CA ALA B 322 -14.82 6.67 -31.64
C ALA B 322 -15.71 6.87 -30.44
N VAL B 323 -15.17 7.49 -29.39
CA VAL B 323 -15.96 7.85 -28.20
C VAL B 323 -15.57 9.18 -27.56
N LEU B 324 -16.52 9.77 -26.83
CA LEU B 324 -16.23 10.93 -25.99
C LEU B 324 -16.48 10.63 -24.51
N ILE B 325 -15.48 10.94 -23.67
CA ILE B 325 -15.56 10.64 -22.26
C ILE B 325 -15.94 11.91 -21.55
N ARG B 326 -17.10 11.89 -20.92
CA ARG B 326 -17.56 13.07 -20.23
C ARG B 326 -18.22 12.70 -18.90
N SER B 327 -18.18 13.62 -17.93
CA SER B 327 -18.72 13.30 -16.62
C SER B 327 -20.06 13.98 -16.40
N VAL B 328 -20.95 13.29 -15.69
CA VAL B 328 -22.21 13.79 -15.27
C VAL B 328 -22.01 14.79 -14.15
N ALA B 329 -22.39 16.04 -14.37
CA ALA B 329 -22.17 17.05 -13.38
C ALA B 329 -23.10 16.90 -12.14
N THR B 330 -24.22 16.19 -12.29
CA THR B 330 -25.22 16.15 -11.21
C THR B 330 -25.11 14.84 -10.42
N ASP B 331 -24.22 13.95 -10.85
CA ASP B 331 -23.99 12.69 -10.19
C ASP B 331 -22.50 12.40 -10.22
N LYS B 332 -21.84 12.56 -9.08
CA LYS B 332 -20.39 12.39 -8.99
C LYS B 332 -19.94 10.93 -8.96
N ARG B 333 -20.77 10.00 -9.38
CA ARG B 333 -20.39 8.61 -9.39
C ARG B 333 -20.59 8.09 -10.79
N ALA B 334 -21.18 8.95 -11.63
CA ALA B 334 -21.50 8.61 -13.00
C ALA B 334 -20.67 9.39 -14.01
N PHE B 335 -20.47 8.73 -15.13
CA PHE B 335 -19.88 9.39 -16.24
C PHE B 335 -20.52 8.93 -17.54
N PHE B 336 -20.38 9.77 -18.57
CA PHE B 336 -20.94 9.51 -19.90
C PHE B 336 -19.86 8.98 -20.83
N ILE B 337 -20.23 7.95 -21.58
CA ILE B 337 -19.48 7.52 -22.72
C ILE B 337 -20.37 7.62 -24.02
N ILE B 338 -20.13 8.65 -24.82
CA ILE B 338 -20.87 8.83 -26.05
C ILE B 338 -20.15 8.14 -27.18
N CYS B 339 -20.79 7.14 -27.76
CA CYS B 339 -20.23 6.42 -28.92
C CYS B 339 -20.52 7.20 -30.21
N THR B 340 -19.46 7.61 -30.89
CA THR B 340 -19.61 8.41 -32.11
C THR B 340 -19.42 7.62 -33.40
N SER B 341 -19.48 6.30 -33.31
CA SER B 341 -19.25 5.42 -34.46
C SER B 341 -20.23 5.58 -35.62
N LYS B 342 -19.73 6.10 -36.75
CA LYS B 342 -20.49 6.21 -38.01
C LYS B 342 -21.17 4.90 -38.37
N LEU B 343 -22.16 4.99 -39.23
CA LEU B 343 -22.88 3.81 -39.73
C LEU B 343 -24.07 3.53 -38.84
N GLY B 344 -23.92 3.74 -37.54
CA GLY B 344 -25.03 3.60 -36.61
C GLY B 344 -25.45 4.92 -35.99
N PRO B 345 -26.63 4.92 -35.34
CA PRO B 345 -27.02 6.11 -34.61
C PRO B 345 -26.08 6.28 -33.42
N PRO B 346 -25.70 7.52 -33.11
CA PRO B 346 -24.83 7.86 -31.98
C PRO B 346 -25.53 7.59 -30.65
N GLN B 347 -24.86 6.90 -29.72
CA GLN B 347 -25.49 6.62 -28.42
C GLN B 347 -24.72 7.12 -27.20
N ILE B 348 -25.46 7.37 -26.13
CA ILE B 348 -24.93 7.69 -24.82
C ILE B 348 -25.06 6.49 -23.92
N TYR B 349 -23.97 6.15 -23.24
CA TYR B 349 -24.02 5.16 -22.19
C TYR B 349 -23.73 5.95 -20.95
N GLU B 350 -24.61 5.87 -19.97
CA GLU B 350 -24.38 6.45 -18.65
C GLU B 350 -24.04 5.30 -17.72
N LEU B 351 -22.80 5.29 -17.24
CA LEU B 351 -22.31 4.24 -16.39
C LEU B 351 -21.99 4.80 -15.00
N VAL B 352 -22.23 3.97 -13.98
CA VAL B 352 -22.08 4.37 -12.59
C VAL B 352 -21.05 3.57 -11.84
N ALA B 353 -20.15 4.29 -11.21
CA ALA B 353 -19.16 3.68 -10.40
C ALA B 353 -19.65 3.40 -9.00
N LEU B 354 -18.85 2.66 -8.24
CA LEU B 354 -19.17 2.32 -6.87
C LEU B 354 -19.10 3.54 -5.95
N THR B 355 -18.01 4.30 -6.04
CA THR B 355 -17.79 5.44 -5.15
C THR B 355 -17.40 6.62 -6.00
N SER B 356 -17.27 7.79 -5.39
CA SER B 356 -16.82 8.96 -6.15
C SER B 356 -15.37 8.71 -6.55
N SER B 357 -14.58 8.28 -5.57
CA SER B 357 -13.21 7.89 -5.80
C SER B 357 -13.10 6.93 -7.00
N ASP B 358 -13.99 5.93 -7.07
CA ASP B 358 -13.93 4.99 -8.17
C ASP B 358 -14.22 5.69 -9.52
N LYS B 359 -15.07 6.70 -9.51
CA LYS B 359 -15.40 7.40 -10.74
C LYS B 359 -14.19 8.09 -11.28
N ASN B 360 -13.41 8.74 -10.42
CA ASN B 360 -12.17 9.40 -10.85
C ASN B 360 -11.16 8.47 -11.47
N THR B 361 -11.04 7.27 -10.90
CA THR B 361 -10.12 6.27 -11.41
C THR B 361 -10.52 5.89 -12.84
N TRP B 362 -11.79 5.59 -13.06
CA TRP B 362 -12.24 5.27 -14.42
C TRP B 362 -12.10 6.45 -15.39
N MET B 363 -12.38 7.67 -14.92
CA MET B 363 -12.22 8.87 -15.72
C MET B 363 -10.78 9.11 -16.18
N GLU B 364 -9.79 8.95 -15.30
CA GLU B 364 -8.41 9.19 -15.67
C GLU B 364 -7.93 8.11 -16.62
N LEU B 365 -8.32 6.86 -16.32
CA LEU B 365 -7.93 5.74 -17.15
C LEU B 365 -8.57 5.80 -18.51
N LEU B 366 -9.85 6.18 -18.55
CA LEU B 366 -10.59 6.36 -19.81
C LEU B 366 -10.07 7.53 -20.67
N GLU B 367 -9.97 8.72 -20.06
CA GLU B 367 -9.38 9.89 -20.74
C GLU B 367 -7.98 9.63 -21.30
N GLU B 368 -7.23 8.72 -20.68
CA GLU B 368 -5.90 8.37 -21.11
C GLU B 368 -5.91 7.39 -22.25
N ALA B 369 -6.69 6.33 -22.15
CA ALA B 369 -6.72 5.35 -23.21
C ALA B 369 -7.23 5.92 -24.55
N VAL B 370 -8.12 6.91 -24.46
CA VAL B 370 -8.73 7.55 -25.63
C VAL B 370 -7.71 8.45 -26.33
N ARG B 371 -7.01 9.26 -25.55
CA ARG B 371 -5.96 10.09 -26.06
C ARG B 371 -4.91 9.23 -26.79
N ASN B 372 -4.58 8.07 -26.23
CA ASN B 372 -3.72 7.10 -26.92
C ASN B 372 -4.31 6.53 -28.21
N ALA B 373 -5.63 6.34 -28.23
CA ALA B 373 -6.29 5.75 -29.38
C ALA B 373 -6.79 6.81 -30.35
N ALA C 4 -36.68 19.84 -2.67
CA ALA C 4 -35.45 19.75 -3.54
C ALA C 4 -35.84 19.29 -4.93
N ILE C 5 -35.95 20.23 -5.85
CA ILE C 5 -36.36 19.92 -7.23
C ILE C 5 -35.19 19.97 -8.28
N ARG C 6 -35.14 18.99 -9.18
CA ARG C 6 -34.13 18.95 -10.23
C ARG C 6 -34.74 19.20 -11.57
N LYS C 7 -34.29 20.25 -12.25
CA LYS C 7 -34.71 20.52 -13.63
C LYS C 7 -33.54 20.49 -14.61
N LYS C 8 -33.77 19.85 -15.76
CA LYS C 8 -32.78 19.72 -16.86
C LYS C 8 -32.98 20.74 -17.96
N LEU C 9 -31.97 21.57 -18.23
CA LEU C 9 -32.10 22.50 -19.35
C LEU C 9 -31.04 22.34 -20.43
N VAL C 10 -31.43 22.53 -21.70
CA VAL C 10 -30.57 22.35 -22.86
C VAL C 10 -30.45 23.65 -23.61
N ILE C 11 -29.24 24.11 -23.84
CA ILE C 11 -29.03 25.35 -24.63
C ILE C 11 -28.66 25.03 -26.08
N VAL C 12 -29.33 25.67 -27.02
CA VAL C 12 -29.08 25.51 -28.45
C VAL C 12 -29.00 26.87 -29.13
N GLY C 13 -28.43 26.91 -30.33
CA GLY C 13 -28.13 28.17 -31.03
C GLY C 13 -26.93 28.06 -31.96
N ASP C 14 -26.77 29.07 -32.83
CA ASP C 14 -25.69 29.10 -33.82
C ASP C 14 -24.33 29.07 -33.15
N GLY C 15 -23.39 28.40 -33.80
CA GLY C 15 -22.00 28.44 -33.39
C GLY C 15 -21.55 29.86 -33.14
N ALA C 16 -20.79 30.03 -32.06
CA ALA C 16 -20.16 31.31 -31.70
C ALA C 16 -21.13 32.35 -31.17
N CYS C 17 -22.39 31.98 -30.97
CA CYS C 17 -23.36 32.96 -30.52
C CYS C 17 -23.26 33.26 -29.02
N GLY C 18 -22.59 32.38 -28.25
CA GLY C 18 -22.28 32.64 -26.83
C GLY C 18 -22.99 31.74 -25.83
N LYS C 19 -23.11 30.47 -26.16
CA LYS C 19 -23.91 29.55 -25.36
C LYS C 19 -23.10 29.08 -24.15
N THR C 20 -21.94 28.47 -24.42
CA THR C 20 -21.02 27.98 -23.37
C THR C 20 -20.69 29.10 -22.41
N CYS C 21 -20.46 30.28 -22.96
CA CYS C 21 -20.10 31.44 -22.15
C CYS C 21 -21.23 31.77 -21.20
N LEU C 22 -22.44 31.70 -21.70
CA LEU C 22 -23.61 32.01 -20.87
C LEU C 22 -23.67 31.04 -19.71
N LEU C 23 -23.51 29.77 -20.02
CA LEU C 23 -23.52 28.72 -19.02
C LEU C 23 -22.42 28.87 -17.93
N ILE C 24 -21.19 29.21 -18.31
CA ILE C 24 -20.09 29.29 -17.35
C ILE C 24 -20.28 30.48 -16.40
N VAL C 25 -20.69 31.60 -16.94
CA VAL C 25 -20.75 32.81 -16.12
C VAL C 25 -21.85 32.72 -15.08
N PHE C 26 -22.92 32.00 -15.41
CA PHE C 26 -23.96 31.70 -14.43
C PHE C 26 -23.46 30.71 -13.37
N SER C 27 -22.97 29.56 -13.84
CA SER C 27 -22.62 28.47 -12.93
C SER C 27 -21.31 28.65 -12.18
N LYS C 28 -20.27 29.13 -12.84
CA LYS C 28 -18.95 29.27 -12.21
C LYS C 28 -18.59 30.72 -11.89
N ASP C 29 -19.34 31.66 -12.45
CA ASP C 29 -19.24 33.09 -12.10
C ASP C 29 -17.93 33.79 -12.55
N GLN C 30 -17.30 33.23 -13.57
CA GLN C 30 -16.12 33.83 -14.21
C GLN C 30 -16.20 33.66 -15.74
N PHE C 31 -15.94 34.73 -16.47
CA PHE C 31 -15.97 34.65 -17.92
C PHE C 31 -14.74 33.91 -18.45
N PRO C 32 -14.92 32.85 -19.28
CA PRO C 32 -13.79 32.15 -19.87
C PRO C 32 -13.13 32.95 -21.00
N GLU C 33 -11.83 33.21 -20.86
CA GLU C 33 -11.11 34.11 -21.79
C GLU C 33 -10.94 33.53 -23.21
N VAL C 34 -10.55 32.26 -23.29
CA VAL C 34 -10.37 31.57 -24.56
C VAL C 34 -11.68 31.07 -25.10
N TYR C 35 -11.76 30.97 -26.42
CA TYR C 35 -12.93 30.45 -27.09
C TYR C 35 -12.67 29.00 -27.48
N VAL C 36 -13.57 28.11 -27.06
CA VAL C 36 -13.41 26.69 -27.38
C VAL C 36 -14.76 26.19 -27.87
N PRO C 37 -14.81 25.76 -29.15
CA PRO C 37 -16.02 25.22 -29.77
C PRO C 37 -16.49 24.00 -29.01
N THR C 38 -17.74 24.02 -28.57
CA THR C 38 -18.28 22.92 -27.78
C THR C 38 -18.69 21.76 -28.68
N VAL C 39 -18.42 20.55 -28.21
CA VAL C 39 -18.88 19.33 -28.86
C VAL C 39 -20.02 18.74 -28.02
N PHE C 40 -19.77 18.58 -26.72
CA PHE C 40 -20.77 18.13 -25.74
C PHE C 40 -20.35 18.46 -24.29
N GLU C 41 -21.13 19.26 -23.58
CA GLU C 41 -20.75 19.56 -22.20
C GLU C 41 -21.95 19.50 -21.27
N ASN C 42 -21.67 19.51 -19.97
CA ASN C 42 -22.59 19.09 -18.93
C ASN C 42 -22.22 19.87 -17.66
N TYR C 43 -23.04 20.82 -17.28
CA TYR C 43 -22.74 21.56 -16.06
C TYR C 43 -23.89 21.46 -15.02
N VAL C 44 -23.62 21.94 -13.80
CA VAL C 44 -24.64 22.06 -12.77
C VAL C 44 -24.65 23.44 -12.11
N ALA C 45 -25.84 23.93 -11.80
CA ALA C 45 -25.99 25.18 -11.07
C ALA C 45 -27.16 25.14 -10.09
N ASP C 46 -27.04 25.86 -8.98
CA ASP C 46 -28.13 25.90 -8.03
C ASP C 46 -28.71 27.31 -7.97
N ILE C 47 -30.02 27.43 -8.24
CA ILE C 47 -30.71 28.73 -8.13
C ILE C 47 -31.93 28.71 -7.22
N GLU C 48 -32.24 29.83 -6.57
CA GLU C 48 -33.54 29.99 -5.89
C GLU C 48 -34.44 31.00 -6.59
N VAL C 49 -35.63 30.55 -7.00
CA VAL C 49 -36.64 31.44 -7.56
C VAL C 49 -38.05 31.20 -6.98
N ASP C 50 -38.73 32.29 -6.62
CA ASP C 50 -40.08 32.23 -6.02
C ASP C 50 -40.13 31.22 -4.87
N GLY C 51 -39.13 31.31 -4.00
CA GLY C 51 -39.01 30.48 -2.80
C GLY C 51 -38.94 28.98 -3.08
N LYS C 52 -38.31 28.61 -4.19
CA LYS C 52 -38.20 27.20 -4.58
C LYS C 52 -36.76 26.88 -4.95
N GLN C 53 -36.19 25.86 -4.30
CA GLN C 53 -34.79 25.49 -4.53
C GLN C 53 -34.67 24.52 -5.70
N VAL C 54 -33.85 24.89 -6.69
CA VAL C 54 -33.69 24.14 -7.93
C VAL C 54 -32.21 23.79 -8.27
N GLU C 55 -32.02 22.54 -8.73
CA GLU C 55 -30.76 22.12 -9.34
C GLU C 55 -30.89 22.07 -10.89
N LEU C 56 -30.31 23.08 -11.53
CA LEU C 56 -30.29 23.13 -12.98
C LEU C 56 -29.16 22.28 -13.53
N ALA C 57 -29.51 21.25 -14.29
CA ALA C 57 -28.56 20.47 -15.04
C ALA C 57 -28.44 21.16 -16.40
N LEU C 58 -27.30 21.82 -16.64
CA LEU C 58 -27.05 22.60 -17.84
C LEU C 58 -26.38 21.76 -18.93
N TRP C 59 -27.15 21.48 -19.99
CA TRP C 59 -26.67 20.67 -21.08
C TRP C 59 -26.19 21.58 -22.24
N ASP C 60 -24.89 21.57 -22.50
CA ASP C 60 -24.31 22.45 -23.55
C ASP C 60 -24.22 21.67 -24.85
N THR C 61 -24.61 22.30 -25.94
CA THR C 61 -24.61 21.61 -27.23
C THR C 61 -23.68 22.32 -28.22
N ALA C 62 -23.34 21.61 -29.29
CA ALA C 62 -22.67 22.22 -30.43
C ALA C 62 -23.59 23.12 -31.29
N GLY C 63 -23.05 24.26 -31.75
CA GLY C 63 -23.72 25.12 -32.73
C GLY C 63 -23.27 24.96 -34.18
N GLN C 64 -22.15 24.25 -34.40
CA GLN C 64 -21.63 23.96 -35.74
C GLN C 64 -22.43 22.82 -36.32
N GLU C 65 -22.61 22.87 -37.64
CA GLU C 65 -23.43 21.92 -38.35
C GLU C 65 -22.84 20.50 -38.37
N ASP C 66 -21.50 20.38 -38.32
CA ASP C 66 -20.83 19.07 -38.37
C ASP C 66 -21.48 18.18 -37.34
N TYR C 67 -21.69 18.76 -36.17
CA TYR C 67 -22.17 18.03 -35.01
C TYR C 67 -23.69 17.96 -34.89
N ASP C 68 -24.42 18.13 -35.99
CA ASP C 68 -25.87 18.02 -35.96
C ASP C 68 -26.30 16.65 -35.45
N ARG C 69 -25.50 15.62 -35.73
CA ARG C 69 -25.89 14.26 -35.35
C ARG C 69 -25.70 13.93 -33.85
N LEU C 70 -25.00 14.78 -33.10
CA LEU C 70 -24.75 14.51 -31.68
C LEU C 70 -25.68 15.28 -30.79
N ARG C 71 -26.31 16.29 -31.39
CA ARG C 71 -27.23 17.11 -30.65
C ARG C 71 -28.56 16.39 -30.25
N PRO C 72 -29.13 15.50 -31.08
CA PRO C 72 -30.29 14.72 -30.63
C PRO C 72 -30.10 13.93 -29.33
N LEU C 73 -28.85 13.75 -28.91
CA LEU C 73 -28.57 12.99 -27.72
C LEU C 73 -28.83 13.76 -26.41
N SER C 74 -28.77 15.09 -26.47
CA SER C 74 -29.00 15.94 -25.30
C SER C 74 -30.46 16.20 -25.01
N TYR C 75 -31.33 15.91 -25.97
CA TYR C 75 -32.74 16.28 -25.90
C TYR C 75 -33.66 15.49 -24.93
N PRO C 76 -33.50 14.14 -24.86
CA PRO C 76 -34.45 13.22 -24.23
C PRO C 76 -35.42 13.73 -23.17
N ASP C 77 -34.93 14.22 -22.04
CA ASP C 77 -35.88 14.54 -20.97
C ASP C 77 -35.77 15.95 -20.48
N THR C 78 -35.98 16.89 -21.36
CA THR C 78 -35.68 18.27 -21.06
C THR C 78 -36.89 18.93 -20.40
N ASP C 79 -36.61 19.91 -19.56
CA ASP C 79 -37.64 20.68 -18.95
C ASP C 79 -37.73 22.09 -19.51
N VAL C 80 -36.60 22.67 -19.87
CA VAL C 80 -36.65 23.98 -20.52
C VAL C 80 -35.57 24.10 -21.61
N ILE C 81 -35.84 24.93 -22.62
CA ILE C 81 -34.87 25.15 -23.68
C ILE C 81 -34.53 26.63 -23.78
N LEU C 82 -33.22 26.92 -23.67
CA LEU C 82 -32.71 28.27 -23.96
C LEU C 82 -32.25 28.35 -25.42
N MET C 83 -33.09 28.95 -26.26
CA MET C 83 -32.79 29.15 -27.68
C MET C 83 -32.05 30.48 -27.81
N CYS C 84 -30.77 30.38 -28.11
CA CYS C 84 -29.93 31.57 -28.20
C CYS C 84 -29.68 32.06 -29.61
N PHE C 85 -29.44 33.36 -29.74
CA PHE C 85 -28.83 33.95 -30.94
C PHE C 85 -27.93 35.08 -30.45
N SER C 86 -27.03 35.54 -31.31
CA SER C 86 -26.13 36.60 -30.94
C SER C 86 -26.68 37.89 -31.50
N ILE C 87 -26.65 38.95 -30.69
CA ILE C 87 -27.07 40.26 -31.16
C ILE C 87 -26.18 40.78 -32.33
N ASP C 88 -24.87 40.53 -32.27
CA ASP C 88 -23.97 41.00 -33.33
C ASP C 88 -24.12 40.23 -34.64
N SER C 89 -24.99 39.23 -34.66
CA SER C 89 -25.20 38.40 -35.84
C SER C 89 -26.66 38.30 -36.18
N PRO C 90 -27.23 39.33 -36.81
CA PRO C 90 -28.62 39.19 -37.25
C PRO C 90 -28.88 37.93 -38.07
N ASP C 91 -27.83 37.34 -38.65
CA ASP C 91 -27.93 36.09 -39.38
C ASP C 91 -28.36 34.96 -38.43
N SER C 92 -27.88 35.00 -37.19
CA SER C 92 -28.23 33.98 -36.18
C SER C 92 -29.68 34.11 -35.73
N LEU C 93 -30.21 35.33 -35.82
CA LEU C 93 -31.61 35.56 -35.57
C LEU C 93 -32.46 34.81 -36.57
N GLU C 94 -32.08 34.86 -37.85
CA GLU C 94 -32.87 34.22 -38.91
C GLU C 94 -32.75 32.70 -38.89
N ASN C 95 -31.79 32.19 -38.14
CA ASN C 95 -31.62 30.75 -38.02
C ASN C 95 -32.51 30.14 -36.94
N ILE C 96 -33.09 31.01 -36.10
CA ILE C 96 -34.00 30.60 -35.05
C ILE C 96 -35.26 29.95 -35.63
N PRO C 97 -35.94 30.64 -36.57
CA PRO C 97 -37.15 30.03 -37.11
C PRO C 97 -36.85 29.02 -38.19
N GLU C 98 -35.64 29.10 -38.76
CA GLU C 98 -35.25 28.27 -39.92
C GLU C 98 -34.63 26.92 -39.55
N LYS C 99 -33.89 26.88 -38.45
CA LYS C 99 -33.21 25.66 -38.04
C LYS C 99 -33.61 25.23 -36.62
N TRP C 100 -33.46 26.13 -35.66
CA TRP C 100 -33.55 25.76 -34.25
C TRP C 100 -34.96 25.40 -33.75
N THR C 101 -35.93 26.26 -34.02
CA THR C 101 -37.30 26.01 -33.65
C THR C 101 -37.82 24.71 -34.26
N PRO C 102 -37.64 24.49 -35.57
CA PRO C 102 -38.16 23.20 -36.04
C PRO C 102 -37.56 22.05 -35.24
N GLU C 103 -36.25 22.09 -35.04
CA GLU C 103 -35.52 20.98 -34.46
C GLU C 103 -36.02 20.71 -33.05
N VAL C 104 -36.04 21.78 -32.27
CA VAL C 104 -36.48 21.76 -30.90
C VAL C 104 -37.90 21.21 -30.79
N LYS C 105 -38.81 21.75 -31.60
CA LYS C 105 -40.21 21.33 -31.60
C LYS C 105 -40.43 19.90 -32.11
N HIS C 106 -39.46 19.34 -32.84
CA HIS C 106 -39.53 17.95 -33.34
C HIS C 106 -39.01 16.97 -32.30
N PHE C 107 -38.01 17.38 -31.52
CA PHE C 107 -37.37 16.46 -30.60
C PHE C 107 -37.92 16.67 -29.18
N CYS C 108 -38.25 17.92 -28.86
CA CYS C 108 -38.79 18.24 -27.55
C CYS C 108 -40.14 18.93 -27.68
N PRO C 109 -41.19 18.17 -28.12
CA PRO C 109 -42.49 18.84 -28.22
C PRO C 109 -43.00 19.32 -26.85
N ASN C 110 -43.82 20.37 -26.85
CA ASN C 110 -44.44 20.88 -25.60
C ASN C 110 -43.46 21.29 -24.51
N VAL C 111 -42.19 21.46 -24.86
CA VAL C 111 -41.21 21.98 -23.90
C VAL C 111 -41.08 23.52 -24.02
N PRO C 112 -41.24 24.25 -22.91
CA PRO C 112 -41.03 25.71 -22.96
C PRO C 112 -39.66 26.13 -23.54
N ILE C 113 -39.63 27.31 -24.14
CA ILE C 113 -38.47 27.81 -24.81
C ILE C 113 -38.28 29.24 -24.40
N ILE C 114 -37.07 29.60 -23.95
CA ILE C 114 -36.77 31.01 -23.75
C ILE C 114 -35.84 31.52 -24.84
N LEU C 115 -36.23 32.59 -25.52
CA LEU C 115 -35.35 33.18 -26.53
C LEU C 115 -34.45 34.26 -25.94
N VAL C 116 -33.14 34.05 -26.10
CA VAL C 116 -32.14 34.90 -25.46
C VAL C 116 -31.26 35.59 -26.52
N GLY C 117 -31.18 36.91 -26.43
CA GLY C 117 -30.25 37.64 -27.28
C GLY C 117 -28.96 37.83 -26.51
N ASN C 118 -27.89 37.15 -26.96
CA ASN C 118 -26.58 37.24 -26.29
C ASN C 118 -25.78 38.45 -26.73
N LYS C 119 -24.78 38.79 -25.92
CA LYS C 119 -23.81 39.85 -26.22
C LYS C 119 -24.45 41.24 -26.30
N LYS C 120 -25.21 41.61 -25.27
CA LYS C 120 -25.98 42.86 -25.26
C LYS C 120 -25.08 44.09 -25.20
N ASP C 121 -23.86 43.89 -24.75
CA ASP C 121 -22.88 44.98 -24.66
C ASP C 121 -22.44 45.44 -26.05
N LEU C 122 -22.69 44.62 -27.08
CA LEU C 122 -22.31 44.98 -28.45
C LEU C 122 -23.34 45.87 -29.18
N ARG C 123 -24.35 46.37 -28.45
CA ARG C 123 -25.42 47.21 -29.00
C ARG C 123 -24.88 48.55 -29.52
N ASN C 124 -24.29 49.32 -28.61
CA ASN C 124 -23.63 50.57 -28.98
C ASN C 124 -22.11 50.41 -28.96
N ASP C 125 -21.63 49.36 -29.62
CA ASP C 125 -20.20 49.16 -29.76
C ASP C 125 -19.75 49.76 -31.09
N GLU C 126 -18.70 50.56 -31.01
CA GLU C 126 -18.23 51.38 -32.15
C GLU C 126 -17.67 50.51 -33.28
N HIS C 127 -16.84 49.52 -32.91
CA HIS C 127 -16.25 48.60 -33.88
C HIS C 127 -17.30 47.74 -34.60
N THR C 128 -18.20 47.13 -33.84
CA THR C 128 -19.13 46.14 -34.37
C THR C 128 -20.15 46.76 -35.35
N ARG C 129 -20.63 47.95 -35.04
CA ARG C 129 -21.57 48.64 -35.91
C ARG C 129 -20.94 48.99 -37.25
N ARG C 130 -19.65 49.30 -37.21
CA ARG C 130 -18.89 49.55 -38.42
C ARG C 130 -18.73 48.25 -39.21
N GLU C 131 -18.35 47.18 -38.51
CA GLU C 131 -18.17 45.87 -39.16
C GLU C 131 -19.46 45.36 -39.78
N LEU C 132 -20.59 45.77 -39.22
CA LEU C 132 -21.92 45.37 -39.71
C LEU C 132 -22.40 46.21 -40.90
N ALA C 133 -21.80 47.39 -41.09
CA ALA C 133 -22.08 48.22 -42.27
C ALA C 133 -21.70 47.50 -43.56
N LYS C 134 -20.53 46.86 -43.58
CA LYS C 134 -20.01 46.16 -44.75
C LYS C 134 -20.91 45.07 -45.35
N MET C 135 -21.76 44.46 -44.54
CA MET C 135 -22.76 43.51 -45.04
C MET C 135 -24.15 44.13 -44.90
N LYS C 136 -24.17 45.47 -44.91
CA LYS C 136 -25.37 46.32 -44.76
C LYS C 136 -26.37 45.98 -43.65
N GLN C 137 -25.88 45.37 -42.58
CA GLN C 137 -26.73 44.94 -41.48
C GLN C 137 -26.66 45.89 -40.30
N GLU C 138 -27.71 45.86 -39.47
CA GLU C 138 -27.78 46.62 -38.21
C GLU C 138 -27.91 45.67 -37.00
N PRO C 139 -27.14 45.90 -35.91
CA PRO C 139 -27.27 45.06 -34.73
C PRO C 139 -28.72 44.93 -34.33
N VAL C 140 -29.07 43.73 -33.90
CA VAL C 140 -30.43 43.39 -33.54
C VAL C 140 -30.98 44.37 -32.50
N LYS C 141 -32.26 44.70 -32.65
CA LYS C 141 -32.97 45.59 -31.74
C LYS C 141 -33.87 44.78 -30.81
N PRO C 142 -34.21 45.33 -29.64
CA PRO C 142 -35.04 44.60 -28.67
C PRO C 142 -36.45 44.25 -29.18
N GLU C 143 -37.04 45.16 -29.96
CA GLU C 143 -38.37 44.94 -30.54
C GLU C 143 -38.29 43.78 -31.51
N GLU C 144 -37.21 43.75 -32.28
CA GLU C 144 -36.94 42.69 -33.24
C GLU C 144 -36.86 41.34 -32.54
N GLY C 145 -36.30 41.34 -31.34
CA GLY C 145 -36.21 40.14 -30.52
C GLY C 145 -37.54 39.59 -30.03
N ARG C 146 -38.32 40.43 -29.34
CA ARG C 146 -39.64 40.05 -28.80
C ARG C 146 -40.64 39.52 -29.86
N ASP C 147 -40.51 40.01 -31.08
CA ASP C 147 -41.34 39.57 -32.19
C ASP C 147 -41.04 38.13 -32.61
N MET C 148 -39.75 37.82 -32.79
CA MET C 148 -39.34 36.47 -33.08
C MET C 148 -39.81 35.49 -31.98
N ALA C 149 -39.75 35.97 -30.75
CA ALA C 149 -40.21 35.20 -29.59
C ALA C 149 -41.71 34.94 -29.65
N ASN C 150 -42.44 35.92 -30.17
CA ASN C 150 -43.83 35.70 -30.41
C ASN C 150 -44.04 34.72 -31.55
N ARG C 151 -43.27 34.82 -32.62
CA ARG C 151 -43.50 33.95 -33.77
C ARG C 151 -43.37 32.48 -33.42
N ILE C 152 -42.34 32.16 -32.65
CA ILE C 152 -41.98 30.78 -32.38
C ILE C 152 -42.74 30.18 -31.20
N GLY C 153 -43.53 31.02 -30.53
CA GLY C 153 -44.35 30.58 -29.39
C GLY C 153 -43.58 30.42 -28.08
N ALA C 154 -42.61 31.30 -27.86
CA ALA C 154 -41.73 31.23 -26.71
C ALA C 154 -42.42 31.67 -25.44
N PHE C 155 -42.05 31.03 -24.34
CA PHE C 155 -42.47 31.43 -23.00
C PHE C 155 -42.07 32.88 -22.65
N GLY C 156 -40.94 33.33 -23.17
CA GLY C 156 -40.48 34.69 -22.91
C GLY C 156 -39.28 35.07 -23.74
N TYR C 157 -38.88 36.33 -23.59
CA TYR C 157 -37.74 36.87 -24.28
C TYR C 157 -36.84 37.57 -23.27
N MET C 158 -35.55 37.26 -23.30
CA MET C 158 -34.62 37.92 -22.41
C MET C 158 -33.32 38.31 -23.12
N GLU C 159 -32.74 39.43 -22.70
CA GLU C 159 -31.45 39.86 -23.21
C GLU C 159 -30.41 39.89 -22.09
N CYS C 160 -29.17 39.54 -22.45
CA CYS C 160 -28.07 39.50 -21.48
C CYS C 160 -26.69 39.75 -22.08
N SER C 161 -25.81 40.27 -21.23
CA SER C 161 -24.42 40.46 -21.55
C SER C 161 -23.62 39.53 -20.67
N ALA C 162 -23.12 38.43 -21.24
CA ALA C 162 -22.28 37.50 -20.50
C ALA C 162 -20.97 38.15 -20.10
N LYS C 163 -20.46 39.08 -20.89
CA LYS C 163 -19.22 39.76 -20.55
C LYS C 163 -19.37 40.70 -19.35
N THR C 164 -20.43 41.51 -19.32
CA THR C 164 -20.59 42.46 -18.22
C THR C 164 -21.41 41.89 -17.06
N LYS C 165 -22.05 40.74 -17.29
CA LYS C 165 -22.95 40.08 -16.31
C LYS C 165 -24.25 40.88 -16.12
N ASP C 166 -24.89 41.22 -17.23
CA ASP C 166 -26.04 42.11 -17.19
C ASP C 166 -27.27 41.31 -17.57
N GLY C 167 -28.18 41.13 -16.63
CA GLY C 167 -29.41 40.35 -16.84
C GLY C 167 -29.22 38.83 -16.96
N VAL C 168 -27.97 38.39 -16.77
CA VAL C 168 -27.59 36.97 -16.87
C VAL C 168 -28.45 36.10 -15.96
N ARG C 169 -28.64 36.56 -14.72
CA ARG C 169 -29.41 35.80 -13.73
C ARG C 169 -30.91 35.83 -14.03
N GLU C 170 -31.34 36.88 -14.75
CA GLU C 170 -32.71 37.01 -15.17
C GLU C 170 -33.05 35.90 -16.15
N VAL C 171 -32.07 35.55 -16.96
CA VAL C 171 -32.23 34.53 -17.98
C VAL C 171 -32.61 33.23 -17.29
N PHE C 172 -31.86 32.92 -16.25
CA PHE C 172 -32.08 31.68 -15.56
C PHE C 172 -33.26 31.73 -14.60
N GLU C 173 -33.60 32.92 -14.10
CA GLU C 173 -34.86 33.11 -13.36
C GLU C 173 -36.02 32.73 -14.27
N MET C 174 -36.02 33.27 -15.48
CA MET C 174 -37.07 32.98 -16.45
C MET C 174 -37.09 31.49 -16.81
N ALA C 175 -35.91 30.94 -17.05
CA ALA C 175 -35.85 29.56 -17.48
C ALA C 175 -36.50 28.65 -16.45
N THR C 176 -36.17 28.89 -15.19
CA THR C 176 -36.60 28.05 -14.06
C THR C 176 -38.08 28.19 -13.81
N ARG C 177 -38.54 29.45 -13.84
CA ARG C 177 -39.95 29.72 -13.80
C ARG C 177 -40.68 28.89 -14.86
N ALA C 178 -40.14 28.84 -16.06
CA ALA C 178 -40.77 28.05 -17.10
C ALA C 178 -40.76 26.58 -16.76
N ALA C 179 -39.61 26.13 -16.26
CA ALA C 179 -39.36 24.72 -15.98
C ALA C 179 -40.21 24.21 -14.83
N LEU C 180 -40.39 25.08 -13.84
CA LEU C 180 -41.21 24.78 -12.68
C LEU C 180 -42.67 24.69 -13.03
N GLN C 181 -43.13 25.58 -13.94
CA GLN C 181 -44.54 25.66 -14.35
C GLN C 181 -45.15 24.29 -14.70
N ALA C 182 -46.15 23.87 -13.93
CA ALA C 182 -47.05 22.77 -14.34
C ALA C 182 -48.06 23.34 -15.36
N ALA D 4 17.87 -37.17 5.77
CA ALA D 4 17.30 -35.89 6.32
C ALA D 4 16.88 -36.05 7.79
N ILE D 5 17.86 -35.95 8.70
CA ILE D 5 17.67 -36.20 10.14
C ILE D 5 18.00 -34.96 10.96
N ARG D 6 17.22 -34.70 12.02
CA ARG D 6 17.48 -33.58 12.94
C ARG D 6 17.97 -34.04 14.31
N LYS D 7 18.97 -33.33 14.86
CA LYS D 7 19.53 -33.60 16.19
C LYS D 7 19.84 -32.30 16.95
N LYS D 8 19.66 -32.36 18.26
CA LYS D 8 19.86 -31.21 19.12
C LYS D 8 21.08 -31.35 20.04
N LEU D 9 21.94 -30.33 20.03
CA LEU D 9 23.11 -30.29 20.89
C LEU D 9 23.12 -29.07 21.83
N VAL D 10 23.45 -29.32 23.10
CA VAL D 10 23.57 -28.29 24.11
C VAL D 10 25.02 -28.24 24.59
N ILE D 11 25.58 -27.04 24.67
CA ILE D 11 26.95 -26.86 25.10
C ILE D 11 26.93 -26.24 26.49
N VAL D 12 27.67 -26.82 27.43
CA VAL D 12 27.75 -26.31 28.81
C VAL D 12 29.19 -26.23 29.23
N GLY D 13 29.45 -25.40 30.23
CA GLY D 13 30.78 -25.26 30.80
C GLY D 13 30.92 -23.90 31.44
N ASP D 14 32.03 -23.68 32.12
CA ASP D 14 32.23 -22.48 32.92
C ASP D 14 32.23 -21.17 32.13
N GLY D 15 31.96 -20.07 32.83
CA GLY D 15 31.94 -18.75 32.22
C GLY D 15 33.24 -18.53 31.49
N ALA D 16 33.15 -17.92 30.31
CA ALA D 16 34.32 -17.56 29.49
C ALA D 16 35.26 -18.70 29.10
N CYS D 17 34.79 -19.94 29.11
CA CYS D 17 35.65 -21.06 28.73
C CYS D 17 35.64 -21.33 27.21
N GLY D 18 34.92 -20.51 26.45
CA GLY D 18 34.94 -20.57 24.98
C GLY D 18 33.76 -21.27 24.32
N LYS D 19 32.60 -21.20 24.96
CA LYS D 19 31.45 -21.94 24.49
C LYS D 19 30.81 -21.28 23.28
N THR D 20 30.54 -19.97 23.39
CA THR D 20 29.93 -19.18 22.33
C THR D 20 30.82 -19.12 21.08
N CYS D 21 32.11 -18.82 21.26
CA CYS D 21 33.08 -18.74 20.14
C CYS D 21 33.19 -20.04 19.34
N LEU D 22 33.21 -21.18 20.03
CA LEU D 22 33.29 -22.49 19.39
C LEU D 22 32.08 -22.78 18.48
N LEU D 23 30.90 -22.30 18.87
CA LEU D 23 29.70 -22.46 18.05
C LEU D 23 29.70 -21.53 16.82
N ILE D 24 30.14 -20.29 17.01
CA ILE D 24 30.12 -19.31 15.94
C ILE D 24 31.13 -19.66 14.85
N VAL D 25 32.31 -20.10 15.27
CA VAL D 25 33.33 -20.52 14.32
C VAL D 25 32.82 -21.69 13.47
N PHE D 26 32.15 -22.64 14.13
CA PHE D 26 31.63 -23.79 13.42
C PHE D 26 30.45 -23.44 12.55
N SER D 27 29.56 -22.60 13.06
CA SER D 27 28.32 -22.28 12.33
C SER D 27 28.48 -21.15 11.33
N LYS D 28 29.17 -20.07 11.70
CA LYS D 28 29.43 -18.96 10.78
C LYS D 28 30.81 -19.04 10.08
N ASP D 29 31.75 -19.80 10.67
CA ASP D 29 33.12 -19.99 10.16
C ASP D 29 34.05 -18.76 10.38
N GLN D 30 33.51 -17.75 11.08
CA GLN D 30 34.29 -16.61 11.55
C GLN D 30 34.28 -16.58 13.09
N PHE D 31 35.35 -16.02 13.66
CA PHE D 31 35.56 -15.91 15.10
C PHE D 31 35.21 -14.49 15.56
N PRO D 32 34.22 -14.34 16.47
CA PRO D 32 33.90 -13.02 17.04
C PRO D 32 34.92 -12.54 18.08
N GLU D 33 35.22 -11.24 18.05
CA GLU D 33 36.36 -10.74 18.78
C GLU D 33 35.97 -10.10 20.08
N VAL D 34 34.85 -9.39 20.08
CA VAL D 34 34.30 -8.85 21.31
C VAL D 34 33.58 -9.96 22.08
N TYR D 35 33.84 -10.00 23.38
CA TYR D 35 33.24 -10.97 24.28
C TYR D 35 31.87 -10.48 24.78
N VAL D 36 30.83 -11.22 24.42
CA VAL D 36 29.50 -10.95 24.99
C VAL D 36 29.04 -12.15 25.82
N PRO D 37 28.91 -11.97 27.13
CA PRO D 37 28.50 -13.06 28.00
C PRO D 37 27.08 -13.53 27.63
N THR D 38 26.98 -14.80 27.23
CA THR D 38 25.71 -15.41 26.80
C THR D 38 24.70 -15.56 27.95
N VAL D 39 23.44 -15.24 27.68
CA VAL D 39 22.34 -15.50 28.58
C VAL D 39 21.58 -16.69 28.01
N PHE D 40 21.19 -16.56 26.73
CA PHE D 40 20.52 -17.63 25.97
C PHE D 40 20.64 -17.35 24.46
N GLU D 41 21.09 -18.32 23.68
CA GLU D 41 21.25 -18.12 22.24
C GLU D 41 21.03 -19.39 21.46
N ASN D 42 20.47 -19.23 20.25
CA ASN D 42 20.09 -20.36 19.44
C ASN D 42 20.77 -20.31 18.05
N TYR D 43 21.45 -21.40 17.65
CA TYR D 43 22.08 -21.48 16.32
C TYR D 43 21.76 -22.80 15.56
N VAL D 44 22.02 -22.79 14.25
CA VAL D 44 21.87 -23.99 13.38
C VAL D 44 23.14 -24.24 12.59
N ALA D 45 23.42 -25.50 12.30
CA ALA D 45 24.52 -25.85 11.41
C ALA D 45 24.26 -27.18 10.72
N ASP D 46 24.76 -27.32 9.51
CA ASP D 46 24.65 -28.58 8.78
C ASP D 46 25.97 -29.31 8.68
N ILE D 47 25.92 -30.62 8.79
CA ILE D 47 27.12 -31.42 8.69
C ILE D 47 26.84 -32.77 8.04
N GLU D 48 27.84 -33.34 7.36
CA GLU D 48 27.73 -34.72 6.89
C GLU D 48 28.71 -35.64 7.61
N VAL D 49 28.21 -36.78 8.08
CA VAL D 49 29.01 -37.75 8.83
C VAL D 49 28.61 -39.18 8.50
N ASP D 50 29.58 -39.94 7.98
CA ASP D 50 29.37 -41.34 7.61
C ASP D 50 28.27 -41.55 6.59
N GLY D 51 28.13 -40.60 5.68
CA GLY D 51 27.10 -40.68 4.66
C GLY D 51 25.69 -40.48 5.21
N LYS D 52 25.54 -39.57 6.15
CA LYS D 52 24.22 -39.23 6.68
C LYS D 52 24.12 -37.75 6.96
N GLN D 53 23.04 -37.14 6.45
CA GLN D 53 22.89 -35.69 6.51
C GLN D 53 22.16 -35.29 7.79
N VAL D 54 22.71 -34.31 8.49
CA VAL D 54 22.20 -33.95 9.78
C VAL D 54 22.09 -32.43 9.98
N GLU D 55 20.90 -32.00 10.42
CA GLU D 55 20.72 -30.65 10.96
C GLU D 55 20.97 -30.58 12.48
N LEU D 56 21.78 -29.61 12.86
CA LEU D 56 22.33 -29.56 14.17
C LEU D 56 21.88 -28.26 14.76
N ALA D 57 21.04 -28.34 15.77
CA ALA D 57 20.64 -27.16 16.48
C ALA D 57 21.64 -26.98 17.61
N LEU D 58 22.26 -25.82 17.63
CA LEU D 58 23.18 -25.47 18.65
C LEU D 58 22.53 -24.62 19.73
N TRP D 59 22.42 -25.17 20.95
CA TRP D 59 21.86 -24.41 22.05
C TRP D 59 23.01 -23.92 22.93
N ASP D 60 23.19 -22.60 22.91
CA ASP D 60 24.25 -21.96 23.69
C ASP D 60 23.72 -21.55 25.05
N THR D 61 24.50 -21.83 26.09
CA THR D 61 24.06 -21.57 27.46
C THR D 61 25.00 -20.64 28.18
N ALA D 62 24.56 -20.14 29.33
CA ALA D 62 25.34 -19.25 30.15
C ALA D 62 26.18 -20.05 31.13
N GLY D 63 27.46 -19.72 31.17
CA GLY D 63 28.34 -20.33 32.12
C GLY D 63 28.30 -19.62 33.46
N GLN D 64 27.86 -18.37 33.48
CA GLN D 64 27.85 -17.56 34.68
C GLN D 64 26.83 -18.03 35.72
N GLU D 65 27.10 -17.73 37.00
CA GLU D 65 26.31 -18.24 38.10
C GLU D 65 24.94 -17.60 38.10
N ASP D 66 24.88 -16.33 37.74
CA ASP D 66 23.62 -15.60 37.79
C ASP D 66 22.56 -16.26 36.94
N TYR D 67 22.98 -16.98 35.91
CA TYR D 67 22.02 -17.54 35.00
C TYR D 67 21.79 -19.05 35.19
N ASP D 68 22.31 -19.60 36.29
CA ASP D 68 22.00 -20.99 36.63
C ASP D 68 20.51 -21.27 36.35
N ARG D 69 19.63 -20.37 36.80
CA ARG D 69 18.19 -20.61 36.76
C ARG D 69 17.61 -20.71 35.35
N LEU D 70 18.28 -20.08 34.39
CA LEU D 70 17.82 -20.10 32.99
C LEU D 70 18.29 -21.32 32.26
N ARG D 71 19.43 -21.84 32.67
CA ARG D 71 20.02 -22.93 31.95
C ARG D 71 19.13 -24.19 31.76
N PRO D 72 18.35 -24.61 32.78
CA PRO D 72 17.59 -25.86 32.59
C PRO D 72 16.59 -25.82 31.48
N LEU D 73 16.33 -24.63 30.96
CA LEU D 73 15.37 -24.45 29.87
C LEU D 73 15.93 -24.90 28.52
N SER D 74 17.24 -25.04 28.39
CA SER D 74 17.86 -25.53 27.16
C SER D 74 18.05 -27.04 27.15
N TYR D 75 18.00 -27.69 28.31
CA TYR D 75 18.19 -29.13 28.42
C TYR D 75 17.11 -30.07 27.83
N PRO D 76 15.82 -29.64 27.80
CA PRO D 76 14.77 -30.63 27.53
C PRO D 76 15.02 -31.80 26.55
N ASP D 77 15.20 -31.55 25.27
CA ASP D 77 15.18 -32.71 24.37
C ASP D 77 16.52 -33.03 23.71
N THR D 78 17.56 -33.08 24.51
CA THR D 78 18.92 -33.04 24.05
C THR D 78 19.40 -34.40 23.55
N ASP D 79 20.03 -34.40 22.37
CA ASP D 79 20.52 -35.63 21.75
C ASP D 79 21.99 -35.86 22.06
N VAL D 80 22.74 -34.76 22.24
CA VAL D 80 24.12 -34.87 22.71
C VAL D 80 24.59 -33.60 23.40
N ILE D 81 25.36 -33.78 24.46
CA ILE D 81 25.89 -32.67 25.21
C ILE D 81 27.38 -32.47 24.94
N LEU D 82 27.74 -31.24 24.62
CA LEU D 82 29.12 -30.82 24.60
C LEU D 82 29.46 -30.20 25.94
N MET D 83 30.21 -30.94 26.75
CA MET D 83 30.64 -30.42 28.03
C MET D 83 32.06 -29.87 27.88
N CYS D 84 32.23 -28.59 28.18
CA CYS D 84 33.47 -27.89 27.85
C CYS D 84 34.23 -27.38 29.05
N PHE D 85 35.53 -27.27 28.84
CA PHE D 85 36.41 -26.54 29.72
C PHE D 85 37.53 -25.88 28.91
N SER D 86 38.19 -24.91 29.55
CA SER D 86 39.30 -24.16 28.98
C SER D 86 40.58 -24.85 29.41
N ILE D 87 41.57 -24.91 28.52
CA ILE D 87 42.91 -25.39 28.91
C ILE D 87 43.72 -24.33 29.69
N ASP D 88 43.49 -23.06 29.36
CA ASP D 88 44.09 -21.92 30.08
C ASP D 88 43.53 -21.65 31.49
N SER D 89 42.39 -22.24 31.82
CA SER D 89 41.81 -22.11 33.16
C SER D 89 41.78 -23.47 33.84
N PRO D 90 42.58 -23.64 34.89
CA PRO D 90 42.73 -24.99 35.47
C PRO D 90 41.61 -25.31 36.48
N ASP D 91 41.10 -24.25 37.12
CA ASP D 91 39.89 -24.35 37.94
C ASP D 91 38.72 -24.87 37.09
N SER D 92 38.79 -24.60 35.79
CA SER D 92 37.78 -24.97 34.79
C SER D 92 37.47 -26.47 34.69
N LEU D 93 38.49 -27.32 34.85
CA LEU D 93 38.29 -28.76 34.79
C LEU D 93 37.78 -29.36 36.12
N GLU D 94 38.16 -28.80 37.26
CA GLU D 94 37.61 -29.29 38.53
C GLU D 94 36.10 -29.04 38.62
N ASN D 95 35.59 -28.14 37.77
CA ASN D 95 34.16 -27.86 37.73
C ASN D 95 33.44 -28.88 36.86
N ILE D 96 34.19 -29.68 36.12
CA ILE D 96 33.60 -30.77 35.36
C ILE D 96 32.89 -31.80 36.25
N PRO D 97 33.59 -32.39 37.25
CA PRO D 97 32.95 -33.37 38.13
C PRO D 97 32.17 -32.80 39.33
N GLU D 98 32.33 -31.51 39.62
CA GLU D 98 31.72 -30.87 40.81
C GLU D 98 30.44 -30.06 40.51
N LYS D 99 30.31 -29.58 39.28
CA LYS D 99 29.11 -28.82 38.87
C LYS D 99 28.41 -29.36 37.59
N TRP D 100 29.15 -29.53 36.50
CA TRP D 100 28.53 -29.77 35.17
C TRP D 100 28.00 -31.19 34.94
N THR D 101 28.76 -32.19 35.35
CA THR D 101 28.33 -33.58 35.23
C THR D 101 27.07 -33.80 36.09
N PRO D 102 27.13 -33.40 37.37
CA PRO D 102 25.92 -33.53 38.20
C PRO D 102 24.73 -32.87 37.54
N GLU D 103 24.93 -31.65 37.03
CA GLU D 103 23.85 -30.91 36.41
C GLU D 103 23.31 -31.64 35.19
N VAL D 104 24.22 -32.13 34.35
CA VAL D 104 23.80 -32.76 33.10
C VAL D 104 23.13 -34.09 33.37
N LYS D 105 23.70 -34.87 34.26
CA LYS D 105 23.15 -36.17 34.45
C LYS D 105 21.76 -36.06 35.06
N HIS D 106 21.55 -35.02 35.88
CA HIS D 106 20.24 -34.78 36.47
C HIS D 106 19.20 -34.42 35.39
N PHE D 107 19.40 -33.34 34.65
CA PHE D 107 18.42 -32.97 33.62
C PHE D 107 18.48 -33.84 32.34
N CYS D 108 19.65 -34.38 31.97
CA CYS D 108 19.78 -35.23 30.76
C CYS D 108 20.40 -36.61 31.04
N PRO D 109 19.62 -37.50 31.66
CA PRO D 109 20.10 -38.84 32.01
C PRO D 109 20.30 -39.68 30.76
N ASN D 110 21.23 -40.64 30.84
CA ASN D 110 21.63 -41.49 29.71
C ASN D 110 21.87 -40.80 28.36
N VAL D 111 21.89 -39.47 28.35
CA VAL D 111 22.19 -38.74 27.12
C VAL D 111 23.70 -38.61 27.00
N PRO D 112 24.29 -39.07 25.87
CA PRO D 112 25.74 -39.13 25.71
C PRO D 112 26.42 -37.77 25.83
N ILE D 113 27.63 -37.77 26.39
CA ILE D 113 28.34 -36.56 26.77
C ILE D 113 29.66 -36.54 26.03
N ILE D 114 29.99 -35.41 25.41
CA ILE D 114 31.34 -35.27 24.88
C ILE D 114 32.13 -34.26 25.71
N LEU D 115 33.31 -34.66 26.16
CA LEU D 115 34.15 -33.73 26.88
C LEU D 115 35.11 -33.00 25.96
N VAL D 116 34.97 -31.68 25.94
CA VAL D 116 35.75 -30.82 25.06
C VAL D 116 36.75 -29.87 25.78
N GLY D 117 38.03 -30.00 25.42
CA GLY D 117 39.04 -29.04 25.82
C GLY D 117 39.18 -27.90 24.81
N ASN D 118 38.94 -26.68 25.30
CA ASN D 118 38.96 -25.46 24.47
C ASN D 118 40.22 -24.63 24.65
N LYS D 119 40.52 -23.80 23.65
CA LYS D 119 41.72 -22.95 23.64
C LYS D 119 42.99 -23.80 23.64
N LYS D 120 43.11 -24.69 22.67
CA LYS D 120 44.34 -25.45 22.50
C LYS D 120 45.56 -24.59 22.16
N ASP D 121 45.33 -23.46 21.49
CA ASP D 121 46.38 -22.53 21.07
C ASP D 121 47.20 -21.95 22.23
N LEU D 122 46.56 -21.80 23.38
CA LEU D 122 47.19 -21.22 24.58
C LEU D 122 48.06 -22.18 25.42
N ARG D 123 48.23 -23.43 24.96
CA ARG D 123 49.14 -24.41 25.61
C ARG D 123 50.56 -23.87 25.63
N ASN D 124 51.06 -23.56 24.42
CA ASN D 124 52.47 -23.19 24.24
C ASN D 124 52.69 -21.68 24.14
N ASP D 125 51.68 -20.92 24.59
CA ASP D 125 51.72 -19.47 24.65
C ASP D 125 52.42 -19.09 25.95
N GLU D 126 53.50 -18.31 25.84
CA GLU D 126 54.31 -17.97 27.03
C GLU D 126 53.57 -17.05 27.99
N HIS D 127 52.85 -16.06 27.46
CA HIS D 127 52.08 -15.12 28.28
C HIS D 127 51.06 -15.83 29.19
N THR D 128 50.57 -16.98 28.76
CA THR D 128 49.55 -17.70 29.53
C THR D 128 50.16 -18.48 30.70
N ARG D 129 51.27 -19.18 30.46
CA ARG D 129 51.92 -20.02 31.47
C ARG D 129 52.47 -19.25 32.68
N ARG D 130 52.84 -18.00 32.44
CA ARG D 130 53.46 -17.16 33.47
C ARG D 130 52.45 -16.72 34.54
N GLU D 131 51.21 -16.48 34.10
CA GLU D 131 50.13 -16.06 35.00
C GLU D 131 49.57 -17.23 35.80
N LEU D 132 49.67 -18.43 35.21
CA LEU D 132 49.34 -19.67 35.88
C LEU D 132 50.24 -19.93 37.07
N ALA D 133 51.54 -19.66 36.90
CA ALA D 133 52.54 -19.83 37.95
C ALA D 133 52.20 -19.04 39.21
N LYS D 134 51.66 -17.84 39.03
CA LYS D 134 51.22 -16.98 40.15
C LYS D 134 50.18 -17.63 41.07
N MET D 135 49.50 -18.67 40.57
CA MET D 135 48.56 -19.43 41.39
C MET D 135 49.08 -20.85 41.63
N LYS D 136 50.38 -21.04 41.41
CA LYS D 136 51.03 -22.35 41.52
C LYS D 136 50.30 -23.37 40.64
N GLN D 137 50.02 -22.98 39.41
CA GLN D 137 49.26 -23.83 38.49
C GLN D 137 49.86 -23.86 37.08
N GLU D 138 49.60 -24.94 36.34
CA GLU D 138 50.12 -25.13 34.99
C GLU D 138 49.00 -25.61 34.09
N PRO D 139 49.14 -25.42 32.76
CA PRO D 139 48.09 -25.80 31.81
C PRO D 139 47.80 -27.29 31.81
N VAL D 140 46.83 -27.67 30.99
CA VAL D 140 46.26 -29.01 31.02
C VAL D 140 46.85 -29.85 29.90
N LYS D 141 47.11 -31.12 30.18
CA LYS D 141 47.62 -32.06 29.18
C LYS D 141 46.45 -32.93 28.64
N PRO D 142 46.71 -33.88 27.71
CA PRO D 142 45.56 -34.66 27.23
C PRO D 142 45.23 -35.94 28.01
N GLU D 143 46.11 -36.35 28.93
CA GLU D 143 45.95 -37.63 29.64
C GLU D 143 44.80 -37.57 30.65
N GLU D 144 44.80 -36.51 31.45
CA GLU D 144 43.78 -36.26 32.48
C GLU D 144 42.45 -35.84 31.85
N GLY D 145 42.51 -35.09 30.76
CA GLY D 145 41.32 -34.84 29.96
C GLY D 145 40.67 -36.17 29.68
N ARG D 146 41.46 -37.09 29.11
CA ARG D 146 41.04 -38.48 28.86
C ARG D 146 40.48 -39.11 30.13
N ASP D 147 41.16 -38.92 31.25
CA ASP D 147 40.68 -39.43 32.55
C ASP D 147 39.36 -38.83 33.01
N MET D 148 39.27 -37.50 33.10
CA MET D 148 37.99 -36.87 33.41
C MET D 148 36.88 -37.57 32.66
N ALA D 149 37.12 -37.78 31.36
CA ALA D 149 36.17 -38.39 30.44
C ALA D 149 35.84 -39.84 30.79
N ASN D 150 36.85 -40.59 31.21
CA ASN D 150 36.62 -41.94 31.70
C ASN D 150 35.93 -41.92 33.06
N ARG D 151 36.24 -40.93 33.88
CA ARG D 151 35.68 -40.82 35.23
C ARG D 151 34.20 -40.41 35.20
N ILE D 152 33.83 -39.54 34.26
CA ILE D 152 32.46 -39.05 34.18
C ILE D 152 31.60 -39.90 33.23
N GLY D 153 32.15 -41.03 32.79
CA GLY D 153 31.47 -41.87 31.81
C GLY D 153 31.13 -41.15 30.51
N ALA D 154 32.02 -40.27 30.07
CA ALA D 154 31.87 -39.62 28.78
C ALA D 154 31.94 -40.58 27.59
N PHE D 155 31.36 -40.15 26.49
CA PHE D 155 31.38 -40.90 25.24
C PHE D 155 32.77 -40.93 24.59
N GLY D 156 33.51 -39.84 24.80
CA GLY D 156 34.77 -39.63 24.12
C GLY D 156 35.31 -38.28 24.55
N TYR D 157 36.44 -37.90 23.93
CA TYR D 157 37.19 -36.76 24.40
C TYR D 157 37.80 -36.02 23.23
N MET D 158 37.85 -34.70 23.32
CA MET D 158 38.35 -33.91 22.21
C MET D 158 39.01 -32.58 22.66
N GLU D 159 40.08 -32.22 21.95
CA GLU D 159 40.78 -30.95 22.09
C GLU D 159 40.57 -30.10 20.85
N CYS D 160 40.40 -28.78 21.01
CA CYS D 160 40.21 -27.89 19.86
C CYS D 160 40.69 -26.48 20.12
N SER D 161 40.74 -25.67 19.05
CA SER D 161 40.97 -24.24 19.15
C SER D 161 40.08 -23.45 18.22
N ALA D 162 39.28 -22.56 18.80
CA ALA D 162 38.34 -21.74 18.03
C ALA D 162 39.05 -20.60 17.31
N LYS D 163 40.12 -20.09 17.93
CA LYS D 163 40.89 -19.04 17.30
C LYS D 163 41.55 -19.56 16.04
N THR D 164 42.30 -20.64 16.17
CA THR D 164 43.08 -21.16 15.05
C THR D 164 42.24 -22.07 14.15
N LYS D 165 41.05 -22.40 14.61
CA LYS D 165 40.12 -23.24 13.84
C LYS D 165 40.53 -24.70 13.93
N ASP D 166 41.67 -24.95 14.58
CA ASP D 166 42.24 -26.29 14.71
C ASP D 166 41.30 -27.24 15.45
N GLY D 167 41.04 -28.39 14.81
CA GLY D 167 40.26 -29.49 15.39
C GLY D 167 38.79 -29.23 15.74
N VAL D 168 38.21 -28.16 15.19
CA VAL D 168 36.87 -27.73 15.57
C VAL D 168 35.81 -28.61 14.97
N ARG D 169 35.95 -28.92 13.68
CA ARG D 169 34.95 -29.74 13.01
C ARG D 169 35.00 -31.18 13.55
N GLU D 170 36.21 -31.60 13.92
CA GLU D 170 36.45 -32.90 14.53
C GLU D 170 35.64 -33.08 15.80
N VAL D 171 35.31 -31.97 16.47
CA VAL D 171 34.47 -31.99 17.67
C VAL D 171 33.05 -32.39 17.30
N PHE D 172 32.52 -31.77 16.24
CA PHE D 172 31.11 -31.90 15.94
C PHE D 172 30.80 -33.20 15.22
N GLU D 173 31.83 -33.81 14.63
CA GLU D 173 31.69 -35.17 14.10
C GLU D 173 31.35 -36.19 15.21
N MET D 174 32.15 -36.23 16.27
CA MET D 174 31.90 -37.13 17.40
C MET D 174 30.52 -36.84 18.02
N ALA D 175 30.25 -35.57 18.28
CA ALA D 175 28.96 -35.19 18.79
C ALA D 175 27.80 -35.79 17.95
N THR D 176 27.96 -35.77 16.63
CA THR D 176 26.93 -36.28 15.73
C THR D 176 26.88 -37.81 15.76
N ARG D 177 28.04 -38.44 15.81
CA ARG D 177 28.09 -39.90 15.92
C ARG D 177 27.44 -40.34 17.22
N ALA D 178 27.55 -39.50 18.24
CA ALA D 178 26.99 -39.82 19.54
C ALA D 178 25.49 -39.79 19.46
N ALA D 179 24.96 -38.74 18.84
CA ALA D 179 23.53 -38.60 18.65
C ALA D 179 22.98 -39.67 17.72
N LEU D 180 23.71 -39.97 16.66
CA LEU D 180 23.24 -40.99 15.72
C LEU D 180 23.30 -42.40 16.30
N GLN D 181 24.36 -42.69 17.05
CA GLN D 181 24.47 -43.95 17.77
C GLN D 181 23.32 -44.06 18.75
N ALA D 182 22.62 -45.20 18.68
CA ALA D 182 21.44 -45.48 19.51
C ALA D 182 20.38 -44.37 19.42
MG MG E . -20.58 25.92 -26.85
PG GSP F . -20.27 26.85 -29.99
O3B GSP F . -20.31 28.44 -29.70
S1G GSP F . -19.35 26.58 -31.45
O2G GSP F . -19.72 26.17 -28.71
O3G GSP F . -21.72 26.43 -30.23
PB GSP F . -21.07 29.15 -28.46
O1B GSP F . -22.47 29.47 -28.82
O2B GSP F . -21.00 28.27 -27.25
PA GSP F . -19.21 30.79 -27.03
O1A GSP F . -20.01 30.70 -25.78
O2A GSP F . -18.17 29.75 -26.90
O3A GSP F . -20.21 30.51 -28.27
O5' GSP F . -18.70 32.31 -27.17
C5' GSP F . -18.26 32.76 -28.44
C4' GSP F . -17.34 33.98 -28.47
O4' GSP F . -18.09 35.14 -28.22
C3' GSP F . -16.18 33.95 -27.48
O3' GSP F . -14.99 34.29 -28.15
C2' GSP F . -16.51 35.02 -26.45
O2' GSP F . -15.38 35.83 -26.19
C1' GSP F . -17.58 35.86 -27.13
N9 GSP F . -18.63 36.25 -26.17
C8 GSP F . -19.40 35.46 -25.36
N7 GSP F . -20.26 36.25 -24.65
C5 GSP F . -20.05 37.53 -24.98
C6 GSP F . -20.61 38.73 -24.57
O6 GSP F . -21.48 38.74 -23.72
N1 GSP F . -20.19 39.92 -25.12
C2 GSP F . -19.18 39.92 -26.08
N2 GSP F . -18.76 41.05 -26.62
N3 GSP F . -18.61 38.73 -26.48
C4 GSP F . -19.03 37.55 -25.94
MG MG G . 28.36 -18.62 25.83
PG GSP H . 29.87 -17.42 28.61
O3B GSP H . 31.38 -17.53 28.05
S1G GSP H . 29.73 -16.24 29.87
O2G GSP H . 28.94 -17.13 27.40
O3G GSP H . 29.53 -18.80 29.23
PB GSP H . 31.70 -18.45 26.75
O1B GSP H . 32.01 -19.85 27.10
O2B GSP H . 30.63 -18.37 25.72
PA GSP H . 33.37 -17.17 24.84
O1A GSP H . 33.10 -18.25 23.87
O2A GSP H . 32.60 -15.94 24.56
O3A GSP H . 33.07 -17.75 26.31
O5' GSP H . 34.92 -16.79 24.93
C5' GSP H . 35.35 -15.94 25.98
C4' GSP H . 36.64 -15.18 25.66
O4' GSP H . 37.68 -16.09 25.39
C3' GSP H . 36.51 -14.25 24.46
O3' GSP H . 37.10 -13.00 24.78
C2' GSP H . 37.31 -14.90 23.36
O2' GSP H . 38.14 -13.93 22.78
C1' GSP H . 38.21 -15.89 24.09
N9 GSP H . 38.30 -17.18 23.38
C8 GSP H . 37.29 -18.01 22.99
N7 GSP H . 37.82 -19.11 22.40
C5 GSP H . 39.17 -18.99 22.42
C6 GSP H . 40.21 -19.79 21.97
O6 GSP H . 39.98 -20.86 21.41
N1 GSP H . 41.51 -19.39 22.18
C2 GSP H . 41.82 -18.19 22.79
N2 GSP H . 43.09 -17.81 22.96
N3 GSP H . 40.78 -17.39 23.23
C4 GSP H . 39.49 -17.78 23.05
#